data_7F9Q
#
_entry.id   7F9Q
#
_cell.length_a   76.479
_cell.length_b   76.479
_cell.length_c   407.543
_cell.angle_alpha   90.000
_cell.angle_beta   90.000
_cell.angle_gamma   90.000
#
_symmetry.space_group_name_H-M   'P 43 21 2'
#
loop_
_entity.id
_entity.type
_entity.pdbx_description
1 polymer 'Prolyl-tRNA synthetase (ProRS)'
2 non-polymer 4-[(3S)-3-cyclopropyl-3-(hydroxymethyl)-2-oxidanylidene-pyrrolidin-1-yl]-N-[[3-fluoranyl-5-(1-methylpyrazol-4-yl)phenyl]methyl]-6-methyl-pyridine-2-carboxamide
3 non-polymer 3-{3-[(2R,3S)-3-hydroxypiperidin-2-yl]-2-oxopropyl}quinazolin-4(3H)-one
4 non-polymer 'CALCIUM ION'
5 water water
#
_entity_poly.entity_id   1
_entity_poly.type   'polypeptide(L)'
_entity_poly.pdbx_seq_one_letter_code
;GAMVTAKKDENFSEWYTQAIVRSEMIEYYDISGCYIMRPWAFHIWEKVQRFFDDEIKKMGVENSYFPMFVSRHKLEKEKD
HVEGFSPEVAWVTHYGDSPLPEKIAIRPTSETIMYPAYAKWIRSHRDLPLKLNQWCSVVRWEFKQPTPFLRTREFLWQEG
HTAHATEEEAWELVLDILELYRRWYEECLAVPVIKGEKSEGEKFAGGKKTTTVEAFIPENGRGIQAATSHLLGTNFAKMF
EIEFEDEEGHKRLVHQTSWGCTTRSLGVMIMTHGDDKGLVIPPRVASVQVVIIPILFKDENTGEILGKCRELKTMLEKAD
IRVRIDDRSNYTPGWKYNHWEVKGVPLRLELGPKDLAKGTARVVRRDTGEAYQISWADLAPKLLELMEGIQRSLFEKAKA
RLHEGIEKISTFDEVMPALNRKHLVLAPWCEDPESEEQIKKETQKLSEIQAIEAGDSEQVMTGAMKTLCIPFDQPPMPEG
TKCFYTGKPAKRWTLWGRSY
;
_entity_poly.pdbx_strand_id   A,B
#
# COMPACT_ATOMS: atom_id res chain seq x y z
N MET A 3 -30.53 -8.67 3.56
CA MET A 3 -30.12 -9.99 4.05
C MET A 3 -29.91 -10.92 2.85
N VAL A 4 -29.50 -12.18 3.06
CA VAL A 4 -29.16 -13.09 1.96
C VAL A 4 -30.17 -14.24 1.89
N THR A 5 -30.69 -14.49 0.68
CA THR A 5 -31.75 -15.45 0.39
C THR A 5 -31.22 -16.86 0.15
N ALA A 6 -30.40 -17.01 -0.90
CA ALA A 6 -29.92 -18.28 -1.41
C ALA A 6 -29.19 -19.11 -0.35
N LYS A 7 -29.20 -20.43 -0.54
CA LYS A 7 -28.53 -21.36 0.35
C LYS A 7 -27.16 -21.74 -0.22
N LYS A 8 -26.12 -21.61 0.61
CA LYS A 8 -24.75 -21.90 0.18
C LYS A 8 -24.62 -23.26 -0.48
N ASP A 9 -25.38 -24.25 -0.04
CA ASP A 9 -25.13 -25.63 -0.41
C ASP A 9 -25.99 -26.12 -1.56
N GLU A 10 -26.77 -25.26 -2.23
CA GLU A 10 -27.45 -25.72 -3.43
C GLU A 10 -27.31 -24.81 -4.65
N ASN A 11 -27.47 -23.49 -4.51
CA ASN A 11 -26.96 -22.56 -5.52
C ASN A 11 -25.75 -21.84 -4.94
N PHE A 12 -24.55 -22.37 -5.21
CA PHE A 12 -23.34 -21.78 -4.65
C PHE A 12 -23.01 -20.45 -5.29
N SER A 13 -23.15 -20.34 -6.61
CA SER A 13 -22.73 -19.13 -7.31
C SER A 13 -23.52 -17.92 -6.85
N GLU A 14 -24.85 -18.01 -6.88
CA GLU A 14 -25.61 -16.83 -6.48
C GLU A 14 -25.51 -16.59 -4.98
N TRP A 15 -25.34 -17.66 -4.19
CA TRP A 15 -25.00 -17.46 -2.78
C TRP A 15 -23.76 -16.61 -2.64
N TYR A 16 -22.68 -17.01 -3.32
CA TYR A 16 -21.44 -16.26 -3.19
C TYR A 16 -21.65 -14.80 -3.57
N THR A 17 -22.37 -14.53 -4.65
CA THR A 17 -22.39 -13.13 -5.06
C THR A 17 -23.33 -12.31 -4.19
N GLN A 18 -24.43 -12.91 -3.75
CA GLN A 18 -25.23 -12.24 -2.72
C GLN A 18 -24.38 -11.95 -1.48
N ALA A 19 -23.54 -12.89 -1.06
CA ALA A 19 -22.77 -12.72 0.16
C ALA A 19 -21.76 -11.60 0.03
N ILE A 20 -21.13 -11.47 -1.15
CA ILE A 20 -20.12 -10.42 -1.28
C ILE A 20 -20.74 -9.08 -1.61
N VAL A 21 -21.97 -9.05 -2.12
CA VAL A 21 -22.57 -7.77 -2.49
C VAL A 21 -23.36 -7.18 -1.34
N ARG A 22 -24.07 -8.03 -0.60
CA ARG A 22 -24.89 -7.61 0.51
C ARG A 22 -24.11 -7.41 1.80
N SER A 23 -22.82 -7.71 1.80
CA SER A 23 -21.95 -7.31 2.89
C SER A 23 -21.19 -6.03 2.56
N GLU A 24 -21.56 -5.36 1.45
CA GLU A 24 -20.85 -4.18 0.94
C GLU A 24 -19.35 -4.45 0.76
N MET A 25 -19.01 -5.65 0.29
CA MET A 25 -17.62 -5.92 -0.03
C MET A 25 -17.27 -5.45 -1.43
N ILE A 26 -18.12 -5.78 -2.39
CA ILE A 26 -17.85 -5.58 -3.81
C ILE A 26 -18.88 -4.62 -4.38
N GLU A 27 -18.47 -3.89 -5.42
CA GLU A 27 -19.39 -3.14 -6.26
C GLU A 27 -19.01 -3.33 -7.73
N TYR A 28 -20.02 -3.43 -8.59
CA TYR A 28 -19.81 -3.83 -9.98
C TYR A 28 -19.38 -2.66 -10.87
N TYR A 29 -18.98 -2.99 -12.09
CA TYR A 29 -18.25 -2.03 -12.90
C TYR A 29 -18.53 -2.25 -14.39
N ASP A 30 -18.45 -1.15 -15.16
CA ASP A 30 -18.48 -1.16 -16.63
C ASP A 30 -17.72 -2.33 -17.22
N ILE A 31 -16.41 -2.36 -16.97
CA ILE A 31 -15.53 -3.26 -17.71
C ILE A 31 -15.51 -4.60 -16.99
N SER A 32 -16.09 -5.61 -17.65
CA SER A 32 -16.13 -6.97 -17.14
C SER A 32 -14.79 -7.38 -16.53
N GLY A 33 -14.85 -8.10 -15.41
CA GLY A 33 -13.68 -8.64 -14.74
C GLY A 33 -12.89 -7.66 -13.93
N CYS A 34 -13.37 -6.42 -13.79
CA CYS A 34 -12.89 -5.48 -12.79
C CYS A 34 -14.01 -5.26 -11.79
N TYR A 35 -13.65 -5.17 -10.53
CA TYR A 35 -14.62 -5.02 -9.46
C TYR A 35 -14.08 -3.98 -8.47
N ILE A 36 -14.99 -3.20 -7.90
CA ILE A 36 -14.61 -2.24 -6.86
C ILE A 36 -14.52 -2.96 -5.53
N MET A 37 -13.42 -2.76 -4.84
CA MET A 37 -13.22 -3.37 -3.54
C MET A 37 -13.60 -2.32 -2.53
N ARG A 38 -14.75 -2.52 -1.89
CA ARG A 38 -15.27 -1.59 -0.90
C ARG A 38 -14.54 -1.74 0.44
N PRO A 39 -14.70 -0.77 1.35
CA PRO A 39 -13.86 -0.78 2.56
C PRO A 39 -13.97 -2.06 3.36
N TRP A 40 -15.17 -2.64 3.45
CA TRP A 40 -15.35 -3.81 4.31
C TRP A 40 -14.44 -4.96 3.91
N ALA A 41 -14.15 -5.09 2.62
CA ALA A 41 -13.13 -6.05 2.20
C ALA A 41 -11.72 -5.49 2.37
N PHE A 42 -11.54 -4.22 2.01
CA PHE A 42 -10.21 -3.66 2.02
C PHE A 42 -9.59 -3.73 3.39
N HIS A 43 -10.41 -3.68 4.43
CA HIS A 43 -9.93 -3.81 5.80
C HIS A 43 -9.22 -5.14 6.03
N ILE A 44 -9.88 -6.24 5.66
CA ILE A 44 -9.27 -7.56 5.75
C ILE A 44 -7.97 -7.59 4.96
N TRP A 45 -7.99 -7.05 3.75
CA TRP A 45 -6.76 -7.06 2.96
C TRP A 45 -5.66 -6.32 3.70
N GLU A 46 -5.98 -5.18 4.30
CA GLU A 46 -4.99 -4.40 5.03
C GLU A 46 -4.42 -5.20 6.18
N LYS A 47 -5.29 -5.92 6.88
CA LYS A 47 -4.86 -6.76 8.00
C LYS A 47 -3.84 -7.81 7.53
N VAL A 48 -4.18 -8.59 6.49
CA VAL A 48 -3.23 -9.62 6.03
C VAL A 48 -1.98 -9.00 5.43
N GLN A 49 -2.12 -7.86 4.77
CA GLN A 49 -0.96 -7.11 4.29
C GLN A 49 -0.03 -6.76 5.45
N ARG A 50 -0.58 -6.17 6.52
CA ARG A 50 0.28 -5.80 7.63
C ARG A 50 1.01 -7.01 8.16
N PHE A 51 0.30 -8.13 8.32
CA PHE A 51 0.94 -9.32 8.84
C PHE A 51 2.10 -9.77 7.93
N PHE A 52 1.81 -10.00 6.65
CA PHE A 52 2.85 -10.50 5.75
C PHE A 52 4.02 -9.52 5.66
N ASP A 53 3.74 -8.21 5.68
CA ASP A 53 4.79 -7.21 5.58
C ASP A 53 5.70 -7.21 6.80
N ASP A 54 5.10 -7.29 8.00
CA ASP A 54 5.92 -7.43 9.20
C ASP A 54 6.82 -8.65 9.09
N GLU A 55 6.24 -9.78 8.68
CA GLU A 55 7.01 -11.01 8.64
C GLU A 55 8.18 -10.93 7.66
N ILE A 56 7.91 -10.45 6.43
CA ILE A 56 8.98 -10.47 5.44
C ILE A 56 10.01 -9.38 5.74
N LYS A 57 9.59 -8.24 6.31
CA LYS A 57 10.59 -7.28 6.80
C LYS A 57 11.53 -7.93 7.84
N LYS A 58 10.98 -8.80 8.72
CA LYS A 58 11.89 -9.55 9.60
C LYS A 58 12.83 -10.43 8.78
N MET A 59 12.41 -10.89 7.62
CA MET A 59 13.41 -11.68 6.90
C MET A 59 14.45 -10.82 6.17
N GLY A 60 14.41 -9.50 6.29
CA GLY A 60 15.33 -8.70 5.52
C GLY A 60 14.85 -8.29 4.14
N VAL A 61 13.61 -8.63 3.77
CA VAL A 61 13.05 -8.14 2.51
C VAL A 61 12.67 -6.68 2.66
N GLU A 62 12.97 -5.88 1.64
CA GLU A 62 12.56 -4.48 1.61
C GLU A 62 11.57 -4.23 0.49
N ASN A 63 10.62 -3.34 0.77
CA ASN A 63 9.60 -2.99 -0.20
C ASN A 63 10.16 -1.98 -1.21
N SER A 64 9.58 -1.99 -2.41
CA SER A 64 9.99 -1.08 -3.47
C SER A 64 8.82 -0.85 -4.43
N TYR A 65 8.99 0.09 -5.37
CA TYR A 65 8.02 0.28 -6.43
C TYR A 65 8.73 0.40 -7.76
N PHE A 66 8.38 -0.50 -8.71
CA PHE A 66 8.70 -0.55 -10.14
C PHE A 66 7.49 -0.15 -10.97
N PRO A 67 7.70 0.55 -12.08
CA PRO A 67 6.58 1.12 -12.84
C PRO A 67 5.74 0.02 -13.49
N MET A 68 4.52 0.41 -13.87
CA MET A 68 3.58 -0.53 -14.44
C MET A 68 3.73 -0.70 -15.95
N PHE A 69 4.70 -0.05 -16.58
CA PHE A 69 4.87 -0.07 -18.02
C PHE A 69 6.13 -0.83 -18.39
N VAL A 70 6.06 -1.57 -19.50
CA VAL A 70 7.20 -2.35 -20.00
C VAL A 70 7.23 -2.32 -21.53
N GLU A 88 -2.26 -13.00 -22.81
CA GLU A 88 -3.17 -12.41 -21.83
C GLU A 88 -2.71 -11.01 -21.45
N VAL A 89 -1.99 -10.35 -22.36
CA VAL A 89 -1.31 -9.07 -22.07
C VAL A 89 -2.04 -7.91 -22.73
N ALA A 90 -1.93 -6.73 -22.11
CA ALA A 90 -2.68 -5.52 -22.46
C ALA A 90 -1.76 -4.37 -22.82
N TRP A 91 -2.11 -3.66 -23.91
CA TRP A 91 -1.21 -2.74 -24.61
C TRP A 91 -1.83 -1.37 -24.82
N VAL A 92 -1.08 -0.32 -24.48
CA VAL A 92 -1.49 1.07 -24.73
C VAL A 92 -1.25 1.39 -26.20
N THR A 93 -2.15 2.19 -26.80
CA THR A 93 -2.10 2.49 -28.23
C THR A 93 -1.72 3.93 -28.55
N HIS A 94 -2.37 4.91 -27.91
CA HIS A 94 -2.20 6.32 -28.27
C HIS A 94 -2.35 7.18 -27.02
N TYR A 95 -2.05 8.47 -27.15
CA TYR A 95 -2.23 9.39 -26.04
C TYR A 95 -3.14 10.55 -26.44
N PRO A 101 5.17 6.10 -31.12
CA PRO A 101 6.38 5.69 -30.40
C PRO A 101 6.59 4.17 -30.47
N GLU A 102 6.17 3.50 -29.41
CA GLU A 102 6.06 2.05 -29.41
C GLU A 102 4.83 1.68 -28.62
N LYS A 103 4.38 0.44 -28.79
CA LYS A 103 3.38 -0.12 -27.87
C LYS A 103 4.01 -0.27 -26.50
N ILE A 104 3.22 -0.05 -25.45
CA ILE A 104 3.65 -0.26 -24.08
C ILE A 104 2.75 -1.30 -23.45
N ALA A 105 3.34 -2.23 -22.71
CA ALA A 105 2.52 -3.24 -22.03
C ALA A 105 2.35 -2.88 -20.57
N ILE A 106 1.22 -3.30 -20.01
CA ILE A 106 0.95 -3.19 -18.58
C ILE A 106 1.42 -4.47 -17.91
N ARG A 107 2.12 -4.34 -16.79
CA ARG A 107 2.81 -5.49 -16.20
C ARG A 107 1.83 -6.61 -15.90
N PRO A 108 2.04 -7.82 -16.48
CA PRO A 108 1.31 -9.02 -16.01
C PRO A 108 1.92 -9.57 -14.74
N THR A 109 3.21 -9.27 -14.65
CA THR A 109 4.20 -9.64 -13.66
C THR A 109 5.41 -8.82 -14.09
N SER A 110 6.32 -8.57 -13.16
CA SER A 110 7.34 -7.62 -13.54
C SER A 110 8.74 -8.20 -13.59
N GLU A 111 8.88 -9.52 -13.73
CA GLU A 111 10.15 -10.13 -14.07
C GLU A 111 10.88 -9.28 -15.11
N THR A 112 10.22 -9.03 -16.23
CA THR A 112 10.86 -8.36 -17.35
C THR A 112 11.27 -6.93 -17.00
N ILE A 113 10.63 -6.34 -16.02
CA ILE A 113 10.98 -4.97 -15.65
C ILE A 113 12.07 -4.92 -14.60
N MET A 114 12.02 -5.87 -13.64
CA MET A 114 12.91 -5.86 -12.49
C MET A 114 14.26 -6.46 -12.81
N TYR A 115 14.29 -7.59 -13.51
CA TYR A 115 15.55 -8.32 -13.62
C TYR A 115 16.66 -7.56 -14.35
N PRO A 116 16.42 -6.68 -15.32
CA PRO A 116 17.54 -5.87 -15.82
C PRO A 116 18.15 -5.00 -14.74
N ALA A 117 17.30 -4.34 -13.95
CA ALA A 117 17.80 -3.59 -12.80
C ALA A 117 18.64 -4.49 -11.91
N TYR A 118 18.20 -5.74 -11.73
CA TYR A 118 18.94 -6.69 -10.91
C TYR A 118 20.31 -6.94 -11.48
N ALA A 119 20.39 -7.15 -12.80
CA ALA A 119 21.68 -7.41 -13.43
C ALA A 119 22.59 -6.21 -13.29
N LYS A 120 22.01 -5.01 -13.25
CA LYS A 120 22.89 -3.86 -13.07
C LYS A 120 23.31 -3.69 -11.61
N TRP A 121 22.45 -4.04 -10.67
CA TRP A 121 22.72 -3.78 -9.26
C TRP A 121 23.64 -4.80 -8.64
N ILE A 122 23.66 -6.03 -9.15
CA ILE A 122 24.45 -7.11 -8.56
C ILE A 122 25.77 -7.20 -9.32
N ARG A 123 26.89 -7.10 -8.59
CA ARG A 123 28.16 -7.38 -9.27
C ARG A 123 29.12 -8.20 -8.41
N SER A 124 28.96 -8.20 -7.09
CA SER A 124 29.78 -9.07 -6.26
C SER A 124 28.92 -9.72 -5.18
N HIS A 125 29.44 -10.83 -4.62
CA HIS A 125 28.82 -11.53 -3.49
C HIS A 125 28.46 -10.59 -2.34
N ARG A 126 29.15 -9.46 -2.23
CA ARG A 126 28.88 -8.48 -1.18
C ARG A 126 27.57 -7.72 -1.42
N ASP A 127 26.83 -8.05 -2.47
CA ASP A 127 25.56 -7.41 -2.78
C ASP A 127 24.38 -8.35 -2.62
N LEU A 128 24.62 -9.60 -2.35
CA LEU A 128 23.69 -10.69 -2.11
C LEU A 128 23.62 -11.00 -0.63
N PRO A 129 22.47 -11.51 -0.15
CA PRO A 129 21.26 -11.74 -0.95
C PRO A 129 20.58 -10.42 -1.23
N LEU A 130 19.78 -10.35 -2.28
CA LEU A 130 19.01 -9.15 -2.56
C LEU A 130 17.56 -9.60 -2.57
N LYS A 131 16.73 -8.93 -1.75
CA LYS A 131 15.36 -9.37 -1.48
C LYS A 131 14.44 -8.16 -1.58
N LEU A 132 13.68 -8.08 -2.66
CA LEU A 132 12.79 -6.96 -2.87
C LEU A 132 11.38 -7.50 -2.94
N ASN A 133 10.42 -6.65 -2.55
CA ASN A 133 9.01 -7.00 -2.59
C ASN A 133 8.24 -5.78 -3.02
N GLN A 134 7.08 -5.98 -3.66
CA GLN A 134 6.23 -4.84 -3.96
C GLN A 134 4.76 -5.22 -3.90
N TRP A 135 3.99 -4.34 -3.26
CA TRP A 135 2.55 -4.44 -3.22
C TRP A 135 2.02 -3.60 -4.37
N CYS A 136 1.39 -4.22 -5.35
CA CYS A 136 0.81 -3.37 -6.38
C CYS A 136 -0.41 -4.05 -6.94
N SER A 137 -0.92 -3.55 -8.06
CA SER A 137 -1.98 -4.23 -8.79
C SER A 137 -1.41 -4.71 -10.13
N VAL A 138 -1.97 -5.81 -10.62
CA VAL A 138 -1.58 -6.30 -11.93
C VAL A 138 -2.84 -6.57 -12.75
N VAL A 139 -2.61 -6.66 -14.05
CA VAL A 139 -3.64 -6.89 -15.04
C VAL A 139 -3.30 -8.19 -15.76
N ARG A 140 -4.23 -9.13 -15.74
CA ARG A 140 -4.11 -10.33 -16.56
C ARG A 140 -5.41 -10.47 -17.33
N TRP A 141 -5.35 -10.16 -18.63
CA TRP A 141 -6.54 -9.86 -19.42
C TRP A 141 -7.04 -11.09 -20.17
N GLU A 142 -7.51 -12.07 -19.41
CA GLU A 142 -8.17 -13.21 -20.01
C GLU A 142 -9.60 -12.85 -20.39
N PHE A 143 -10.09 -13.43 -21.48
CA PHE A 143 -11.42 -13.10 -21.96
C PHE A 143 -12.49 -14.09 -21.48
N LYS A 144 -12.17 -14.97 -20.52
CA LYS A 144 -13.18 -15.87 -19.99
C LYS A 144 -13.92 -15.21 -18.83
N GLN A 145 -14.88 -15.93 -18.23
CA GLN A 145 -15.75 -15.19 -17.33
C GLN A 145 -15.13 -15.14 -15.94
N PRO A 146 -15.18 -13.99 -15.29
CA PRO A 146 -14.48 -13.83 -14.01
C PRO A 146 -15.30 -14.38 -12.85
N THR A 147 -14.61 -14.55 -11.73
CA THR A 147 -15.26 -14.82 -10.46
C THR A 147 -14.67 -13.81 -9.49
N PRO A 148 -15.47 -12.94 -8.88
CA PRO A 148 -14.92 -11.89 -8.02
C PRO A 148 -13.99 -12.46 -6.96
N PHE A 149 -12.90 -11.73 -6.69
CA PHE A 149 -11.78 -12.13 -5.85
C PHE A 149 -10.96 -13.28 -6.44
N LEU A 150 -11.61 -14.32 -6.96
CA LEU A 150 -10.90 -15.55 -7.30
C LEU A 150 -10.15 -15.43 -8.63
N ARG A 151 -10.82 -14.92 -9.68
CA ARG A 151 -10.26 -14.85 -11.03
C ARG A 151 -10.76 -13.57 -11.68
N THR A 152 -10.01 -12.49 -11.49
CA THR A 152 -10.37 -11.19 -11.98
C THR A 152 -9.31 -10.70 -12.97
N ARG A 153 -9.61 -9.63 -13.71
CA ARG A 153 -8.67 -9.12 -14.70
C ARG A 153 -7.69 -8.10 -14.14
N GLU A 154 -8.08 -7.39 -13.09
CA GLU A 154 -7.15 -6.60 -12.31
C GLU A 154 -7.25 -7.07 -10.87
N PHE A 155 -6.13 -7.47 -10.29
CA PHE A 155 -6.15 -7.80 -8.87
C PHE A 155 -4.98 -7.14 -8.15
N LEU A 156 -5.20 -6.89 -6.86
CA LEU A 156 -4.14 -6.47 -5.96
C LEU A 156 -3.34 -7.68 -5.50
N TRP A 157 -2.03 -7.50 -5.33
CA TRP A 157 -1.20 -8.58 -4.79
C TRP A 157 0.08 -8.02 -4.19
N GLN A 158 0.92 -8.96 -3.75
CA GLN A 158 2.34 -8.70 -3.58
C GLN A 158 3.12 -9.71 -4.44
N GLU A 159 4.30 -9.27 -4.86
CA GLU A 159 5.28 -10.12 -5.51
C GLU A 159 6.62 -9.79 -4.93
N GLY A 160 7.33 -10.83 -4.49
CA GLY A 160 8.67 -10.70 -3.96
C GLY A 160 9.64 -11.45 -4.86
N HIS A 161 10.87 -10.95 -4.91
CA HIS A 161 11.92 -11.44 -5.79
C HIS A 161 13.24 -11.36 -5.06
N THR A 162 13.93 -12.50 -4.94
CA THR A 162 15.22 -12.53 -4.28
C THR A 162 16.24 -13.20 -5.18
N ALA A 163 17.48 -12.79 -5.00
CA ALA A 163 18.62 -13.44 -5.61
C ALA A 163 19.65 -13.77 -4.52
N HIS A 164 20.29 -14.93 -4.65
CA HIS A 164 21.25 -15.42 -3.67
C HIS A 164 22.53 -15.92 -4.35
N ALA A 165 23.59 -16.02 -3.55
CA ALA A 165 24.85 -16.59 -4.03
C ALA A 165 24.74 -18.09 -4.27
N THR A 166 23.91 -18.80 -3.53
CA THR A 166 23.84 -20.25 -3.62
C THR A 166 22.41 -20.69 -3.84
N GLU A 167 22.25 -21.95 -4.25
CA GLU A 167 20.89 -22.46 -4.43
C GLU A 167 20.23 -22.81 -3.11
N GLU A 168 21.02 -23.23 -2.13
CA GLU A 168 20.46 -23.71 -0.86
C GLU A 168 19.87 -22.57 -0.05
N GLU A 169 20.53 -21.41 -0.05
CA GLU A 169 19.94 -20.25 0.61
C GLU A 169 18.62 -19.87 -0.07
N ALA A 170 18.61 -19.91 -1.41
CA ALA A 170 17.40 -19.55 -2.13
C ALA A 170 16.26 -20.49 -1.77
N TRP A 171 16.54 -21.78 -1.78
CA TRP A 171 15.53 -22.77 -1.47
C TRP A 171 14.97 -22.57 -0.06
N GLU A 172 15.85 -22.30 0.91
CA GLU A 172 15.34 -22.11 2.26
C GLU A 172 14.48 -20.85 2.34
N LEU A 173 14.76 -19.85 1.50
CA LEU A 173 13.89 -18.69 1.48
C LEU A 173 12.54 -19.03 0.84
N VAL A 174 12.56 -19.82 -0.25
CA VAL A 174 11.32 -20.35 -0.81
C VAL A 174 10.47 -20.99 0.29
N LEU A 175 11.08 -21.87 1.08
CA LEU A 175 10.30 -22.55 2.12
C LEU A 175 9.90 -21.61 3.27
N ASP A 176 10.73 -20.64 3.61
CA ASP A 176 10.33 -19.69 4.64
C ASP A 176 9.13 -18.85 4.18
N ILE A 177 9.11 -18.45 2.90
CA ILE A 177 7.96 -17.72 2.36
C ILE A 177 6.73 -18.62 2.30
N LEU A 178 6.90 -19.85 1.84
CA LEU A 178 5.74 -20.74 1.79
C LEU A 178 5.14 -20.94 3.17
N GLU A 179 5.99 -20.97 4.22
CA GLU A 179 5.47 -21.09 5.57
C GLU A 179 4.72 -19.83 5.99
N LEU A 180 5.21 -18.66 5.56
CA LEU A 180 4.44 -17.44 5.79
C LEU A 180 3.07 -17.53 5.14
N TYR A 181 2.99 -18.07 3.93
CA TYR A 181 1.69 -18.14 3.27
C TYR A 181 0.77 -19.08 4.00
N ARG A 182 1.32 -20.20 4.48
CA ARG A 182 0.54 -21.04 5.36
C ARG A 182 -0.05 -20.23 6.52
N ARG A 183 0.78 -19.45 7.20
CA ARG A 183 0.25 -18.63 8.29
C ARG A 183 -0.79 -17.63 7.80
N TRP A 184 -0.48 -16.88 6.75
CA TRP A 184 -1.40 -15.93 6.15
C TRP A 184 -2.78 -16.59 6.02
N TYR A 185 -2.80 -17.83 5.55
CA TYR A 185 -4.07 -18.52 5.38
C TYR A 185 -4.60 -19.11 6.69
N GLU A 186 -3.93 -20.13 7.22
CA GLU A 186 -4.34 -20.81 8.44
C GLU A 186 -4.48 -19.84 9.61
N GLU A 187 -3.38 -19.21 10.03
CA GLU A 187 -3.39 -18.37 11.23
C GLU A 187 -4.31 -17.14 11.13
N CYS A 188 -4.38 -16.49 9.96
CA CYS A 188 -5.16 -15.25 9.89
C CYS A 188 -6.58 -15.48 9.36
N LEU A 189 -6.73 -16.16 8.24
CA LEU A 189 -8.06 -16.33 7.69
C LEU A 189 -8.71 -17.62 8.12
N ALA A 190 -8.04 -18.42 8.96
CA ALA A 190 -8.58 -19.67 9.48
C ALA A 190 -8.88 -20.65 8.37
N VAL A 191 -8.18 -20.51 7.24
CA VAL A 191 -8.39 -21.36 6.08
C VAL A 191 -7.32 -22.44 6.07
N PRO A 192 -7.69 -23.72 6.04
CA PRO A 192 -6.68 -24.78 6.01
C PRO A 192 -6.21 -24.97 4.59
N VAL A 193 -4.88 -25.06 4.39
CA VAL A 193 -4.32 -25.33 3.07
C VAL A 193 -3.14 -26.30 3.13
N ILE A 194 -2.81 -26.85 1.95
CA ILE A 194 -1.87 -27.95 1.78
C ILE A 194 -0.60 -27.45 1.12
N LYS A 195 0.53 -27.69 1.77
CA LYS A 195 1.83 -27.42 1.19
C LYS A 195 2.22 -28.52 0.23
N GLY A 196 2.76 -28.13 -0.92
CA GLY A 196 3.18 -29.15 -1.88
C GLY A 196 4.04 -28.55 -2.97
N GLU A 197 4.54 -29.42 -3.82
CA GLU A 197 5.30 -29.03 -4.99
C GLU A 197 4.45 -29.31 -6.23
N LYS A 198 4.58 -28.45 -7.23
CA LYS A 198 3.80 -28.58 -8.45
C LYS A 198 4.50 -29.50 -9.44
N SER A 199 3.69 -30.26 -10.17
CA SER A 199 4.20 -31.14 -11.22
C SER A 199 4.97 -30.32 -12.24
N GLU A 200 5.75 -31.00 -13.10
CA GLU A 200 6.46 -30.31 -14.18
C GLU A 200 5.47 -29.67 -15.14
N GLY A 201 4.35 -30.36 -15.42
CA GLY A 201 3.35 -29.80 -16.31
C GLY A 201 2.76 -28.50 -15.80
N GLU A 202 2.61 -28.37 -14.48
CA GLU A 202 1.91 -27.23 -13.91
C GLU A 202 2.82 -26.22 -13.21
N LYS A 203 4.13 -26.50 -13.13
CA LYS A 203 5.09 -25.55 -12.56
C LYS A 203 5.28 -24.33 -13.47
N PHE A 204 5.96 -23.33 -12.92
CA PHE A 204 6.23 -22.09 -13.64
C PHE A 204 7.26 -22.33 -14.73
N ALA A 205 6.93 -21.91 -15.95
CA ALA A 205 7.82 -22.09 -17.10
C ALA A 205 9.16 -21.40 -16.87
N GLY A 206 10.24 -22.17 -16.98
CA GLY A 206 11.53 -21.55 -16.76
C GLY A 206 11.86 -21.29 -15.32
N GLY A 207 11.02 -21.71 -14.41
CA GLY A 207 11.47 -21.95 -13.07
C GLY A 207 11.95 -23.39 -12.90
N LYS A 208 12.73 -23.59 -11.85
CA LYS A 208 13.26 -24.93 -11.58
C LYS A 208 12.29 -25.78 -10.77
N LYS A 209 11.59 -25.17 -9.83
CA LYS A 209 10.68 -25.90 -8.97
C LYS A 209 9.68 -24.90 -8.43
N THR A 210 8.41 -25.27 -8.44
CA THR A 210 7.35 -24.37 -7.96
C THR A 210 6.64 -25.02 -6.78
N THR A 211 6.78 -24.42 -5.61
CA THR A 211 6.01 -24.82 -4.45
C THR A 211 4.75 -23.98 -4.37
N THR A 212 3.79 -24.51 -3.63
CA THR A 212 2.48 -23.89 -3.59
C THR A 212 1.75 -24.29 -2.32
N VAL A 213 0.76 -23.48 -1.96
CA VAL A 213 -0.27 -23.86 -0.98
C VAL A 213 -1.60 -23.94 -1.70
N GLU A 214 -2.37 -24.97 -1.41
CA GLU A 214 -3.61 -25.24 -2.11
C GLU A 214 -4.75 -25.32 -1.13
N ALA A 215 -5.89 -24.72 -1.49
CA ALA A 215 -7.12 -24.78 -0.72
C ALA A 215 -8.18 -25.61 -1.44
N PHE A 216 -9.28 -25.86 -0.72
CA PHE A 216 -10.38 -26.70 -1.21
C PHE A 216 -11.70 -25.99 -0.99
N ILE A 217 -12.50 -25.89 -2.05
CA ILE A 217 -13.86 -25.36 -2.00
C ILE A 217 -14.81 -26.55 -2.05
N PRO A 218 -15.34 -26.95 -0.89
CA PRO A 218 -16.17 -28.16 -0.84
C PRO A 218 -17.47 -28.06 -1.60
N GLU A 219 -18.06 -26.87 -1.76
CA GLU A 219 -19.39 -26.79 -2.37
C GLU A 219 -19.37 -27.18 -3.84
N ASN A 220 -18.26 -26.95 -4.55
CA ASN A 220 -18.14 -27.44 -5.92
C ASN A 220 -17.02 -28.46 -6.10
N GLY A 221 -16.40 -28.94 -5.01
CA GLY A 221 -15.38 -29.97 -5.12
C GLY A 221 -14.07 -29.49 -5.73
N ARG A 222 -13.83 -28.18 -5.78
CA ARG A 222 -12.71 -27.66 -6.57
C ARG A 222 -11.51 -27.33 -5.70
N GLY A 223 -10.33 -27.45 -6.29
CA GLY A 223 -9.11 -26.96 -5.67
C GLY A 223 -8.78 -25.58 -6.18
N ILE A 224 -8.06 -24.82 -5.36
CA ILE A 224 -7.65 -23.50 -5.82
C ILE A 224 -6.27 -23.21 -5.26
N GLN A 225 -5.39 -22.69 -6.11
CA GLN A 225 -4.05 -22.31 -5.68
C GLN A 225 -4.13 -21.05 -4.85
N ALA A 226 -3.53 -21.09 -3.65
CA ALA A 226 -3.64 -20.01 -2.70
C ALA A 226 -2.45 -19.06 -2.73
N ALA A 227 -1.25 -19.55 -3.02
CA ALA A 227 -0.09 -18.68 -3.17
C ALA A 227 1.02 -19.51 -3.78
N THR A 228 2.07 -18.84 -4.22
CA THR A 228 3.13 -19.53 -4.93
C THR A 228 4.46 -19.08 -4.36
N SER A 229 5.42 -20.00 -4.39
CA SER A 229 6.79 -19.73 -3.97
C SER A 229 7.69 -20.50 -4.92
N HIS A 230 8.29 -19.79 -5.88
CA HIS A 230 9.05 -20.39 -6.97
C HIS A 230 10.51 -20.40 -6.64
N LEU A 231 11.19 -21.50 -7.03
CA LEU A 231 12.65 -21.57 -7.07
C LEU A 231 13.06 -21.41 -8.53
N LEU A 232 13.43 -20.19 -8.88
CA LEU A 232 13.79 -19.90 -10.27
C LEU A 232 15.13 -20.50 -10.63
N GLY A 233 16.06 -20.53 -9.67
CA GLY A 233 17.38 -21.02 -10.02
C GLY A 233 18.09 -19.97 -10.85
N THR A 234 18.77 -20.41 -11.90
CA THR A 234 19.65 -19.53 -12.67
C THR A 234 19.15 -19.24 -14.07
N ASN A 235 17.96 -19.72 -14.44
CA ASN A 235 17.52 -19.60 -15.83
C ASN A 235 17.34 -18.14 -16.22
N PHE A 236 16.60 -17.39 -15.41
CA PHE A 236 16.54 -15.95 -15.58
C PHE A 236 17.90 -15.31 -15.42
N ALA A 237 18.69 -15.78 -14.46
CA ALA A 237 19.98 -15.16 -14.24
C ALA A 237 20.78 -15.15 -15.53
N LYS A 238 20.70 -16.21 -16.32
CA LYS A 238 21.53 -16.16 -17.53
C LYS A 238 20.81 -15.44 -18.66
N MET A 239 19.48 -15.58 -18.77
CA MET A 239 18.78 -14.79 -19.77
C MET A 239 19.07 -13.29 -19.62
N PHE A 240 19.16 -12.78 -18.39
CA PHE A 240 19.36 -11.37 -18.13
C PHE A 240 20.78 -11.03 -17.73
N GLU A 241 21.69 -12.01 -17.65
CA GLU A 241 23.09 -11.77 -17.32
C GLU A 241 23.24 -11.11 -15.94
N ILE A 242 22.52 -11.66 -14.96
CA ILE A 242 22.70 -11.29 -13.55
C ILE A 242 23.82 -12.16 -12.99
N GLU A 243 25.00 -11.57 -12.80
CA GLU A 243 26.19 -12.31 -12.40
C GLU A 243 26.90 -11.57 -11.26
N PHE A 244 27.71 -12.32 -10.52
CA PHE A 244 28.44 -11.76 -9.40
C PHE A 244 29.78 -12.48 -9.30
N GLU A 245 30.73 -11.92 -8.55
CA GLU A 245 31.96 -12.63 -8.28
C GLU A 245 32.06 -12.98 -6.80
N ASP A 246 32.45 -14.22 -6.51
CA ASP A 246 32.70 -14.70 -5.15
C ASP A 246 34.00 -14.13 -4.59
N GLU A 247 34.58 -14.79 -3.59
CA GLU A 247 35.82 -14.27 -2.99
C GLU A 247 37.06 -14.67 -3.76
N GLU A 248 36.92 -15.35 -4.90
CA GLU A 248 38.05 -15.71 -5.74
C GLU A 248 38.23 -14.78 -6.93
N GLY A 249 37.18 -14.06 -7.32
CA GLY A 249 37.20 -13.29 -8.54
C GLY A 249 36.49 -13.93 -9.71
N HIS A 250 35.81 -15.06 -9.48
CA HIS A 250 35.15 -15.83 -10.51
C HIS A 250 33.69 -15.42 -10.58
N LYS A 251 33.22 -15.08 -11.78
CA LYS A 251 31.84 -14.63 -11.92
C LYS A 251 30.93 -15.85 -12.06
N ARG A 252 29.97 -15.96 -11.12
CA ARG A 252 28.90 -16.95 -11.05
C ARG A 252 27.53 -16.34 -11.34
N LEU A 253 26.56 -17.22 -11.62
CA LEU A 253 25.16 -16.82 -11.79
C LEU A 253 24.42 -16.86 -10.47
N VAL A 254 23.60 -15.84 -10.22
CA VAL A 254 22.81 -15.80 -8.99
C VAL A 254 21.67 -16.82 -9.06
N HIS A 255 21.20 -17.23 -7.90
CA HIS A 255 20.06 -18.13 -7.81
C HIS A 255 18.87 -17.34 -7.33
N GLN A 256 17.79 -17.36 -8.08
CA GLN A 256 16.67 -16.46 -7.81
C GLN A 256 15.44 -17.22 -7.32
N THR A 257 14.58 -16.46 -6.61
CA THR A 257 13.25 -16.86 -6.19
C THR A 257 12.28 -15.74 -6.52
N SER A 258 11.03 -16.12 -6.80
CA SER A 258 9.94 -15.15 -6.76
C SER A 258 8.72 -15.84 -6.17
N TRP A 259 7.81 -15.02 -5.66
CA TRP A 259 6.70 -15.56 -4.90
C TRP A 259 5.66 -14.48 -4.78
N GLY A 260 4.40 -14.88 -4.59
CA GLY A 260 3.37 -13.85 -4.50
C GLY A 260 2.02 -14.41 -4.13
N CYS A 261 1.17 -13.50 -3.69
CA CYS A 261 -0.17 -13.91 -3.28
C CYS A 261 -1.08 -12.69 -3.39
N THR A 262 -2.36 -12.96 -3.71
CA THR A 262 -3.31 -11.93 -4.16
C THR A 262 -4.59 -11.88 -3.30
N THR A 263 -5.48 -10.96 -3.68
CA THR A 263 -6.74 -10.82 -2.97
C THR A 263 -7.57 -12.09 -3.04
N ARG A 264 -7.17 -13.07 -3.86
CA ARG A 264 -7.88 -14.33 -3.94
C ARG A 264 -8.09 -14.93 -2.56
N SER A 265 -7.14 -14.70 -1.66
CA SER A 265 -7.28 -15.17 -0.29
C SER A 265 -8.63 -14.77 0.29
N LEU A 266 -9.01 -13.50 0.14
CA LEU A 266 -10.30 -13.04 0.67
C LEU A 266 -11.44 -13.91 0.19
N GLY A 267 -11.44 -14.19 -1.12
CA GLY A 267 -12.47 -15.05 -1.67
C GLY A 267 -12.49 -16.41 -1.00
N VAL A 268 -11.29 -17.00 -0.87
CA VAL A 268 -11.21 -18.34 -0.27
C VAL A 268 -11.70 -18.28 1.15
N MET A 269 -11.47 -17.15 1.84
CA MET A 269 -11.94 -17.04 3.21
C MET A 269 -13.44 -17.06 3.23
N ILE A 270 -14.03 -16.29 2.31
CA ILE A 270 -15.48 -16.15 2.29
C ILE A 270 -16.11 -17.51 2.07
N MET A 271 -15.73 -18.15 0.97
CA MET A 271 -16.28 -19.47 0.67
C MET A 271 -16.00 -20.45 1.79
N THR A 272 -14.94 -20.23 2.58
CA THR A 272 -14.67 -21.22 3.61
C THR A 272 -15.57 -21.02 4.82
N HIS A 273 -15.93 -19.79 5.15
CA HIS A 273 -16.62 -19.60 6.42
C HIS A 273 -18.05 -19.10 6.29
N GLY A 274 -18.46 -18.72 5.09
CA GLY A 274 -19.82 -18.28 4.91
C GLY A 274 -20.82 -19.37 5.23
N ASP A 275 -21.97 -18.91 5.70
CA ASP A 275 -23.14 -19.76 5.86
C ASP A 275 -24.36 -19.05 5.29
N ASP A 276 -25.54 -19.61 5.55
CA ASP A 276 -26.75 -19.14 4.90
C ASP A 276 -27.11 -17.71 5.27
N LYS A 277 -26.55 -17.17 6.34
CA LYS A 277 -26.83 -15.80 6.75
C LYS A 277 -25.82 -14.77 6.18
N GLY A 278 -24.73 -15.22 5.55
CA GLY A 278 -23.77 -14.32 4.93
C GLY A 278 -22.32 -14.60 5.29
N LEU A 279 -21.52 -13.54 5.42
CA LEU A 279 -20.12 -13.68 5.83
C LEU A 279 -19.99 -14.13 7.28
N VAL A 280 -18.82 -14.68 7.59
CA VAL A 280 -18.33 -14.96 8.94
C VAL A 280 -16.85 -14.65 8.88
N ILE A 281 -16.42 -13.59 9.57
CA ILE A 281 -15.04 -13.12 9.45
C ILE A 281 -14.26 -13.54 10.69
N PRO A 282 -13.18 -14.29 10.54
CA PRO A 282 -12.34 -14.63 11.68
C PRO A 282 -11.92 -13.38 12.44
N PRO A 283 -12.01 -13.43 13.75
CA PRO A 283 -11.60 -12.29 14.58
C PRO A 283 -10.24 -11.68 14.25
N ARG A 284 -9.24 -12.49 13.87
CA ARG A 284 -7.90 -11.92 13.68
C ARG A 284 -7.83 -10.98 12.47
N VAL A 285 -8.76 -11.07 11.51
CA VAL A 285 -8.74 -10.10 10.41
C VAL A 285 -10.01 -9.27 10.38
N ALA A 286 -10.87 -9.43 11.37
CA ALA A 286 -12.06 -8.60 11.47
C ALA A 286 -11.71 -7.20 11.98
N SER A 287 -12.08 -6.17 11.22
CA SER A 287 -11.83 -4.80 11.67
C SER A 287 -12.73 -4.43 12.84
N VAL A 288 -13.96 -4.94 12.88
CA VAL A 288 -14.83 -4.83 14.06
C VAL A 288 -14.98 -6.22 14.66
N GLN A 289 -14.40 -6.44 15.84
CA GLN A 289 -14.56 -7.76 16.44
C GLN A 289 -15.84 -7.86 17.24
N VAL A 290 -16.25 -6.76 17.89
CA VAL A 290 -17.41 -6.69 18.76
C VAL A 290 -18.21 -5.47 18.34
N VAL A 291 -19.47 -5.67 17.94
CA VAL A 291 -20.34 -4.55 17.68
C VAL A 291 -21.31 -4.46 18.84
N ILE A 292 -21.40 -3.26 19.42
CA ILE A 292 -22.24 -2.98 20.55
C ILE A 292 -23.48 -2.28 20.03
N ILE A 293 -24.61 -2.96 20.14
CA ILE A 293 -25.86 -2.45 19.58
C ILE A 293 -26.79 -2.09 20.74
N PRO A 294 -27.10 -0.83 20.91
CA PRO A 294 -27.99 -0.40 21.97
C PRO A 294 -29.46 -0.55 21.62
N ILE A 295 -30.25 -1.03 22.55
CA ILE A 295 -31.67 -1.19 22.29
C ILE A 295 -32.41 0.02 22.82
N LEU A 296 -32.95 0.78 21.90
CA LEU A 296 -33.66 1.97 22.26
C LEU A 296 -35.05 1.83 21.71
N PHE A 297 -36.05 2.07 22.53
CA PHE A 297 -37.41 1.96 22.08
C PHE A 297 -38.27 2.74 23.01
N LYS A 298 -39.06 3.64 22.48
CA LYS A 298 -39.95 4.48 23.27
C LYS A 298 -39.26 5.31 24.36
N ASP A 299 -38.08 5.79 24.08
CA ASP A 299 -37.31 6.63 24.98
C ASP A 299 -37.12 6.09 26.34
N GLU A 300 -36.86 4.80 26.46
CA GLU A 300 -36.71 4.22 27.76
C GLU A 300 -35.26 4.05 28.06
N ASN A 301 -34.80 4.83 29.03
CA ASN A 301 -33.44 4.78 29.58
C ASN A 301 -32.38 5.05 28.52
N THR A 302 -32.71 5.87 27.55
CA THR A 302 -31.80 6.13 26.44
C THR A 302 -30.43 6.63 26.91
N GLY A 303 -30.42 7.60 27.83
CA GLY A 303 -29.15 8.19 28.23
C GLY A 303 -28.26 7.21 28.96
N GLU A 304 -28.85 6.39 29.85
CA GLU A 304 -28.07 5.39 30.56
C GLU A 304 -27.62 4.27 29.63
N ILE A 305 -28.48 3.84 28.71
CA ILE A 305 -28.05 2.83 27.73
C ILE A 305 -26.82 3.33 26.97
N LEU A 306 -26.88 4.59 26.53
CA LEU A 306 -25.79 5.09 25.72
C LEU A 306 -24.53 5.29 26.54
N GLY A 307 -24.68 5.77 27.77
CA GLY A 307 -23.54 5.85 28.67
C GLY A 307 -22.87 4.49 28.87
N LYS A 308 -23.67 3.46 29.18
CA LYS A 308 -23.09 2.17 29.47
C LYS A 308 -22.37 1.63 28.25
N CYS A 309 -22.95 1.84 27.07
CA CYS A 309 -22.28 1.42 25.85
C CYS A 309 -20.91 2.05 25.73
N ARG A 310 -20.82 3.35 25.97
CA ARG A 310 -19.54 4.03 25.83
C ARG A 310 -18.53 3.52 26.86
N GLU A 311 -19.00 3.21 28.08
CA GLU A 311 -18.10 2.66 29.10
C GLU A 311 -17.59 1.27 28.73
N LEU A 312 -18.50 0.42 28.25
CA LEU A 312 -18.12 -0.90 27.77
C LEU A 312 -17.11 -0.81 26.64
N LYS A 313 -17.27 0.19 25.74
CA LYS A 313 -16.29 0.36 24.67
C LYS A 313 -14.92 0.72 25.25
N THR A 314 -14.88 1.72 26.13
CA THR A 314 -13.62 2.12 26.76
C THR A 314 -12.90 0.90 27.35
N MET A 315 -13.63 0.15 28.18
CA MET A 315 -13.06 -1.02 28.83
C MET A 315 -12.55 -2.05 27.82
N LEU A 316 -13.35 -2.39 26.81
CA LEU A 316 -12.93 -3.41 25.86
C LEU A 316 -11.74 -2.95 25.01
N GLU A 317 -11.66 -1.64 24.71
CA GLU A 317 -10.54 -1.21 23.89
C GLU A 317 -9.26 -1.23 24.71
N LYS A 318 -9.39 -1.04 26.03
CA LYS A 318 -8.21 -1.18 26.89
C LYS A 318 -7.60 -2.57 26.84
N ALA A 319 -8.37 -3.60 26.47
CA ALA A 319 -7.84 -4.94 26.24
C ALA A 319 -7.54 -5.23 24.77
N ASP A 320 -7.43 -4.19 23.93
CA ASP A 320 -7.03 -4.31 22.52
C ASP A 320 -8.03 -5.16 21.72
N ILE A 321 -9.30 -5.00 22.03
CA ILE A 321 -10.39 -5.55 21.25
C ILE A 321 -10.97 -4.41 20.41
N ARG A 322 -11.25 -4.69 19.16
CA ARG A 322 -11.65 -3.67 18.22
C ARG A 322 -13.17 -3.55 18.27
N VAL A 323 -13.66 -2.43 18.80
CA VAL A 323 -15.06 -2.26 19.16
C VAL A 323 -15.66 -1.13 18.35
N ARG A 324 -16.86 -1.37 17.81
CA ARG A 324 -17.71 -0.32 17.27
C ARG A 324 -19.04 -0.32 18.01
N ILE A 325 -19.50 0.86 18.39
CA ILE A 325 -20.86 1.06 18.92
C ILE A 325 -21.75 1.57 17.80
N ASP A 326 -22.72 0.77 17.35
CA ASP A 326 -23.66 1.23 16.33
C ASP A 326 -24.77 2.02 17.02
N ASP A 327 -24.43 3.26 17.37
CA ASP A 327 -25.39 4.16 17.98
C ASP A 327 -26.05 5.06 16.94
N ARG A 328 -26.08 4.62 15.69
CA ARG A 328 -26.71 5.40 14.64
C ARG A 328 -28.22 5.53 14.90
N SER A 329 -28.74 6.76 14.75
CA SER A 329 -30.12 7.06 15.15
C SER A 329 -31.14 6.51 14.17
N ASN A 330 -30.79 6.44 12.87
CA ASN A 330 -31.75 6.20 11.80
C ASN A 330 -31.86 4.73 11.43
N TYR A 331 -31.69 3.82 12.37
CA TYR A 331 -31.75 2.40 12.08
C TYR A 331 -32.29 1.65 13.29
N THR A 332 -33.09 0.61 13.01
CA THR A 332 -33.71 -0.20 14.05
C THR A 332 -32.69 -1.13 14.68
N PRO A 333 -32.83 -1.44 15.97
CA PRO A 333 -32.00 -2.50 16.55
C PRO A 333 -32.00 -3.79 15.74
N GLY A 334 -33.16 -4.30 15.33
CA GLY A 334 -33.19 -5.52 14.55
C GLY A 334 -32.50 -5.38 13.20
N TRP A 335 -32.62 -4.18 12.59
CA TRP A 335 -31.86 -3.92 11.38
C TRP A 335 -30.37 -4.04 11.64
N LYS A 336 -29.89 -3.48 12.73
CA LYS A 336 -28.47 -3.60 13.05
C LYS A 336 -28.05 -5.04 13.27
N TYR A 337 -28.89 -5.82 13.96
CA TYR A 337 -28.58 -7.24 14.12
C TYR A 337 -28.27 -7.84 12.76
N ASN A 338 -29.22 -7.70 11.84
CA ASN A 338 -29.04 -8.39 10.56
C ASN A 338 -27.90 -7.76 9.77
N HIS A 339 -27.67 -6.46 9.92
CA HIS A 339 -26.64 -5.78 9.13
C HIS A 339 -25.25 -6.30 9.51
N TRP A 340 -24.99 -6.38 10.80
CA TRP A 340 -23.70 -6.88 11.20
C TRP A 340 -23.59 -8.40 11.07
N GLU A 341 -24.69 -9.15 11.18
CA GLU A 341 -24.67 -10.57 10.83
C GLU A 341 -24.18 -10.75 9.41
N VAL A 342 -24.87 -10.12 8.46
CA VAL A 342 -24.53 -10.37 7.07
C VAL A 342 -23.10 -9.92 6.77
N LYS A 343 -22.64 -8.85 7.43
CA LYS A 343 -21.25 -8.44 7.33
C LYS A 343 -20.29 -9.35 8.09
N GLY A 344 -20.79 -10.22 8.96
CA GLY A 344 -19.99 -11.26 9.59
C GLY A 344 -19.18 -10.86 10.81
N VAL A 345 -19.49 -9.71 11.43
CA VAL A 345 -18.84 -9.30 12.67
C VAL A 345 -18.92 -10.46 13.66
N PRO A 346 -17.82 -10.86 14.28
CA PRO A 346 -17.85 -12.14 14.99
C PRO A 346 -18.68 -12.11 16.26
N LEU A 347 -18.74 -10.99 16.96
CA LEU A 347 -19.44 -10.90 18.23
C LEU A 347 -20.37 -9.70 18.22
N ARG A 348 -21.62 -9.93 18.57
CA ARG A 348 -22.60 -8.87 18.78
C ARG A 348 -22.96 -8.79 20.26
N LEU A 349 -22.97 -7.58 20.81
CA LEU A 349 -23.25 -7.34 22.23
C LEU A 349 -24.49 -6.45 22.37
N GLU A 350 -25.62 -7.05 22.75
CA GLU A 350 -26.87 -6.32 22.96
C GLU A 350 -27.01 -5.86 24.40
N LEU A 351 -27.40 -4.59 24.54
CA LEU A 351 -27.61 -3.92 25.82
C LEU A 351 -28.95 -3.19 25.81
N GLY A 352 -29.84 -3.57 26.72
CA GLY A 352 -31.09 -2.87 26.90
C GLY A 352 -31.37 -2.58 28.37
N PRO A 353 -32.59 -2.10 28.64
CA PRO A 353 -32.94 -1.66 30.01
C PRO A 353 -32.91 -2.78 31.07
N LYS A 354 -33.40 -3.96 30.69
CA LYS A 354 -33.29 -5.11 31.56
C LYS A 354 -31.85 -5.36 31.98
N ASP A 355 -30.95 -5.41 31.00
CA ASP A 355 -29.57 -5.70 31.35
C ASP A 355 -28.95 -4.57 32.14
N LEU A 356 -29.54 -3.38 32.07
CA LEU A 356 -29.04 -2.32 32.93
C LEU A 356 -29.31 -2.62 34.39
N ALA A 357 -30.49 -3.17 34.67
CA ALA A 357 -30.70 -3.60 36.07
C ALA A 357 -29.89 -4.84 36.45
N LYS A 358 -29.46 -5.65 35.46
CA LYS A 358 -28.77 -6.91 35.77
C LYS A 358 -27.23 -6.83 35.84
N GLY A 359 -26.61 -5.77 35.33
CA GLY A 359 -25.16 -5.68 35.32
C GLY A 359 -24.47 -6.66 34.38
N THR A 360 -25.24 -7.32 33.52
CA THR A 360 -24.77 -8.26 32.50
C THR A 360 -25.15 -7.73 31.11
N ALA A 361 -24.84 -8.51 30.09
CA ALA A 361 -25.11 -8.11 28.71
C ALA A 361 -25.17 -9.37 27.86
N ARG A 362 -26.02 -9.36 26.83
CA ARG A 362 -26.14 -10.56 26.01
C ARG A 362 -25.16 -10.49 24.85
N VAL A 363 -24.40 -11.56 24.65
CA VAL A 363 -23.42 -11.61 23.58
C VAL A 363 -23.74 -12.80 22.72
N VAL A 364 -23.89 -12.56 21.43
CA VAL A 364 -24.15 -13.61 20.46
C VAL A 364 -22.94 -13.72 19.59
N ARG A 365 -22.56 -14.96 19.26
CA ARG A 365 -21.37 -15.19 18.49
C ARG A 365 -21.78 -15.63 17.10
N ARG A 366 -21.14 -15.05 16.09
CA ARG A 366 -21.69 -15.10 14.75
C ARG A 366 -21.60 -16.48 14.16
N ASP A 367 -20.56 -17.25 14.53
CA ASP A 367 -20.26 -18.53 13.90
C ASP A 367 -21.27 -19.64 14.28
N THR A 368 -21.75 -19.66 15.54
CA THR A 368 -22.73 -20.70 15.93
C THR A 368 -24.09 -20.19 16.34
N GLY A 369 -24.27 -18.89 16.59
CA GLY A 369 -25.53 -18.39 17.10
C GLY A 369 -25.61 -18.38 18.61
N GLU A 370 -24.79 -19.19 19.29
CA GLU A 370 -24.87 -19.32 20.74
C GLU A 370 -24.90 -17.94 21.39
N ALA A 371 -25.70 -17.80 22.43
CA ALA A 371 -25.72 -16.57 23.20
C ALA A 371 -25.10 -16.81 24.56
N TYR A 372 -24.74 -15.71 25.21
CA TYR A 372 -24.13 -15.76 26.52
C TYR A 372 -24.60 -14.54 27.28
N GLN A 373 -24.82 -14.67 28.60
CA GLN A 373 -25.00 -13.50 29.44
C GLN A 373 -23.73 -13.33 30.25
N ILE A 374 -23.03 -12.23 30.00
CA ILE A 374 -21.74 -11.99 30.61
C ILE A 374 -21.87 -10.79 31.52
N SER A 375 -21.25 -10.88 32.70
CA SER A 375 -21.10 -9.72 33.55
C SER A 375 -20.18 -8.67 32.89
N TRP A 376 -20.52 -7.39 33.11
CA TRP A 376 -19.70 -6.31 32.56
C TRP A 376 -18.25 -6.40 33.01
N ALA A 377 -18.01 -6.58 34.31
CA ALA A 377 -16.65 -6.68 34.82
C ALA A 377 -15.89 -7.87 34.23
N ASP A 378 -16.59 -8.81 33.60
CA ASP A 378 -15.98 -9.99 33.00
C ASP A 378 -15.92 -9.94 31.49
N LEU A 379 -16.46 -8.88 30.89
CA LEU A 379 -16.49 -8.79 29.44
C LEU A 379 -15.11 -8.99 28.79
N ALA A 380 -14.11 -8.19 29.15
CA ALA A 380 -12.85 -8.26 28.43
C ALA A 380 -12.19 -9.64 28.43
N PRO A 381 -11.84 -10.24 29.59
CA PRO A 381 -11.30 -11.62 29.51
C PRO A 381 -12.22 -12.55 28.74
N LYS A 382 -13.50 -12.59 29.14
CA LYS A 382 -14.41 -13.54 28.53
C LYS A 382 -14.47 -13.33 27.02
N LEU A 383 -14.65 -12.09 26.57
CA LEU A 383 -14.72 -11.85 25.12
C LEU A 383 -13.44 -12.31 24.44
N LEU A 384 -12.27 -12.03 25.04
CA LEU A 384 -11.03 -12.53 24.44
C LEU A 384 -11.11 -14.04 24.26
N GLU A 385 -11.50 -14.72 25.33
CA GLU A 385 -11.60 -16.17 25.30
C GLU A 385 -12.52 -16.60 24.18
N LEU A 386 -13.67 -15.93 24.06
CA LEU A 386 -14.61 -16.31 23.03
C LEU A 386 -13.98 -16.16 21.67
N MET A 387 -13.21 -15.07 21.48
CA MET A 387 -12.64 -14.78 20.17
C MET A 387 -11.58 -15.81 19.79
N GLU A 388 -10.60 -16.05 20.67
CA GLU A 388 -9.72 -17.18 20.43
C GLU A 388 -10.55 -18.42 20.07
N GLY A 389 -11.59 -18.71 20.86
CA GLY A 389 -12.37 -19.92 20.63
C GLY A 389 -13.00 -19.93 19.27
N ILE A 390 -13.49 -18.77 18.84
CA ILE A 390 -14.09 -18.67 17.51
C ILE A 390 -13.05 -18.94 16.43
N GLN A 391 -11.88 -18.33 16.58
CA GLN A 391 -10.88 -18.46 15.50
C GLN A 391 -10.52 -19.93 15.36
N ARG A 392 -10.08 -20.53 16.47
CA ARG A 392 -9.73 -21.94 16.49
C ARG A 392 -10.85 -22.78 15.86
N SER A 393 -12.09 -22.50 16.21
CA SER A 393 -13.12 -23.43 15.77
C SER A 393 -13.39 -23.27 14.29
N LEU A 394 -13.41 -22.01 13.81
CA LEU A 394 -13.48 -21.80 12.37
C LEU A 394 -12.41 -22.64 11.67
N PHE A 395 -11.19 -22.62 12.21
CA PHE A 395 -10.13 -23.34 11.55
C PHE A 395 -10.36 -24.84 11.64
N GLU A 396 -10.77 -25.33 12.81
CA GLU A 396 -10.79 -26.76 12.98
C GLU A 396 -11.89 -27.38 12.13
N LYS A 397 -13.10 -26.82 12.21
CA LYS A 397 -14.16 -27.23 11.29
C LYS A 397 -13.65 -27.23 9.87
N ALA A 398 -13.02 -26.12 9.45
CA ALA A 398 -12.57 -26.04 8.06
C ALA A 398 -11.60 -27.17 7.75
N LYS A 399 -10.62 -27.35 8.63
CA LYS A 399 -9.62 -28.38 8.40
C LYS A 399 -10.30 -29.74 8.26
N ALA A 400 -11.29 -30.00 9.11
CA ALA A 400 -12.05 -31.24 9.01
C ALA A 400 -12.64 -31.40 7.61
N ARG A 401 -13.39 -30.37 7.14
CA ARG A 401 -14.04 -30.50 5.83
C ARG A 401 -13.01 -30.77 4.76
N LEU A 402 -11.81 -30.20 4.90
CA LEU A 402 -10.79 -30.44 3.89
C LEU A 402 -10.38 -31.91 3.88
N HIS A 403 -10.02 -32.43 5.05
CA HIS A 403 -9.44 -33.76 4.99
C HIS A 403 -10.50 -34.82 4.73
N GLU A 404 -11.78 -34.47 4.89
CA GLU A 404 -12.87 -35.35 4.51
C GLU A 404 -13.23 -35.20 3.05
N GLY A 405 -12.74 -34.14 2.38
CA GLY A 405 -12.87 -34.01 0.94
C GLY A 405 -11.74 -34.62 0.14
N ILE A 406 -10.89 -35.42 0.79
CA ILE A 406 -9.70 -35.97 0.13
C ILE A 406 -9.81 -37.48 0.21
N GLU A 407 -10.01 -38.09 -0.94
CA GLU A 407 -10.16 -39.54 -1.05
C GLU A 407 -8.85 -40.08 -1.56
N LYS A 408 -8.16 -40.92 -0.79
CA LYS A 408 -6.90 -41.48 -1.26
C LYS A 408 -7.28 -42.62 -2.18
N ILE A 409 -6.58 -42.83 -3.30
CA ILE A 409 -7.07 -43.94 -4.16
C ILE A 409 -5.96 -44.90 -4.67
N SER A 410 -6.33 -46.07 -5.25
CA SER A 410 -5.29 -46.96 -5.82
C SER A 410 -5.30 -47.11 -7.35
N THR A 411 -6.47 -46.99 -7.95
CA THR A 411 -6.66 -47.26 -9.37
C THR A 411 -7.48 -46.14 -9.98
N PHE A 412 -7.36 -46.01 -11.29
CA PHE A 412 -8.09 -44.96 -12.01
C PHE A 412 -9.60 -45.21 -12.00
N ASP A 413 -10.02 -46.46 -11.86
CA ASP A 413 -11.45 -46.75 -11.79
C ASP A 413 -12.11 -46.00 -10.64
N GLU A 414 -11.36 -45.65 -9.60
CA GLU A 414 -11.92 -44.97 -8.43
C GLU A 414 -12.06 -43.46 -8.62
N VAL A 415 -11.64 -42.92 -9.77
CA VAL A 415 -11.55 -41.48 -9.92
C VAL A 415 -12.93 -40.86 -10.05
N MET A 416 -13.71 -41.31 -11.04
CA MET A 416 -14.94 -40.61 -11.39
C MET A 416 -15.98 -40.63 -10.27
N PRO A 417 -16.20 -41.77 -9.59
CA PRO A 417 -16.99 -41.72 -8.34
C PRO A 417 -16.64 -40.55 -7.43
N ALA A 418 -15.36 -40.47 -7.04
CA ALA A 418 -14.90 -39.42 -6.12
C ALA A 418 -15.13 -38.02 -6.69
N LEU A 419 -14.76 -37.82 -7.96
CA LEU A 419 -15.05 -36.54 -8.60
C LEU A 419 -16.52 -36.18 -8.47
N ASN A 420 -17.41 -37.17 -8.61
CA ASN A 420 -18.84 -36.85 -8.54
C ASN A 420 -19.34 -36.65 -7.11
N ARG A 421 -18.66 -37.23 -6.12
CA ARG A 421 -18.88 -36.82 -4.74
C ARG A 421 -18.21 -35.50 -4.40
N LYS A 422 -17.58 -34.88 -5.38
CA LYS A 422 -17.05 -33.52 -5.22
C LYS A 422 -15.87 -33.52 -4.28
N HIS A 423 -15.01 -34.53 -4.43
CA HIS A 423 -13.82 -34.67 -3.61
C HIS A 423 -12.56 -34.58 -4.47
N LEU A 424 -11.43 -34.53 -3.79
CA LEU A 424 -10.14 -34.66 -4.44
C LEU A 424 -9.60 -36.05 -4.20
N VAL A 425 -8.72 -36.48 -5.09
CA VAL A 425 -8.12 -37.79 -4.91
C VAL A 425 -6.63 -37.65 -4.61
N LEU A 426 -6.15 -38.47 -3.69
CA LEU A 426 -4.73 -38.59 -3.41
C LEU A 426 -4.28 -39.98 -3.85
N ALA A 427 -3.44 -40.04 -4.88
CA ALA A 427 -3.09 -41.31 -5.49
C ALA A 427 -1.59 -41.42 -5.71
N PRO A 428 -1.07 -42.63 -5.81
CA PRO A 428 0.33 -42.79 -6.19
C PRO A 428 0.52 -42.42 -7.65
N TRP A 429 1.64 -41.75 -7.95
CA TRP A 429 1.92 -41.35 -9.32
C TRP A 429 3.38 -41.60 -9.64
N CYS A 430 3.62 -41.96 -10.91
CA CYS A 430 4.94 -42.07 -11.51
C CYS A 430 5.52 -40.72 -11.92
N GLU A 431 4.67 -39.69 -12.03
CA GLU A 431 5.08 -38.31 -12.23
C GLU A 431 5.60 -38.03 -13.63
N ASP A 432 5.08 -38.69 -14.67
CA ASP A 432 5.61 -38.14 -15.91
C ASP A 432 4.55 -37.31 -16.64
N PRO A 433 4.96 -36.20 -17.27
CA PRO A 433 3.97 -35.21 -17.78
C PRO A 433 2.95 -35.74 -18.79
N GLU A 434 3.32 -36.72 -19.62
CA GLU A 434 2.32 -37.28 -20.51
C GLU A 434 1.18 -37.93 -19.74
N SER A 435 1.50 -38.61 -18.63
CA SER A 435 0.50 -39.09 -17.68
C SER A 435 -0.56 -38.02 -17.45
N GLU A 436 -0.12 -36.86 -16.97
CA GLU A 436 -1.05 -35.82 -16.57
C GLU A 436 -1.89 -35.35 -17.73
N GLU A 437 -1.28 -35.16 -18.90
CA GLU A 437 -2.06 -34.56 -19.98
C GLU A 437 -3.15 -35.50 -20.46
N GLN A 438 -2.84 -36.80 -20.59
CA GLN A 438 -3.92 -37.68 -21.00
C GLN A 438 -4.93 -37.89 -19.89
N ILE A 439 -4.53 -37.78 -18.62
CA ILE A 439 -5.54 -37.85 -17.55
C ILE A 439 -6.47 -36.65 -17.64
N LYS A 440 -5.92 -35.46 -17.86
CA LYS A 440 -6.73 -34.27 -18.06
C LYS A 440 -7.79 -34.52 -19.13
N LYS A 441 -7.32 -34.89 -20.33
CA LYS A 441 -8.23 -35.07 -21.46
C LYS A 441 -9.25 -36.18 -21.19
N GLU A 442 -8.81 -37.32 -20.65
CA GLU A 442 -9.72 -38.45 -20.46
C GLU A 442 -10.79 -38.13 -19.43
N THR A 443 -10.42 -37.49 -18.32
CA THR A 443 -11.46 -37.15 -17.35
C THR A 443 -12.40 -36.07 -17.89
N GLN A 444 -11.93 -35.15 -18.73
CA GLN A 444 -12.89 -34.17 -19.28
C GLN A 444 -13.86 -34.83 -20.24
N LYS A 445 -13.38 -35.79 -21.04
CA LYS A 445 -14.30 -36.52 -21.91
C LYS A 445 -15.33 -37.29 -21.09
N LEU A 446 -14.88 -37.96 -20.03
CA LEU A 446 -15.83 -38.70 -19.20
C LEU A 446 -16.85 -37.77 -18.55
N SER A 447 -16.40 -36.59 -18.12
CA SER A 447 -17.32 -35.58 -17.59
C SER A 447 -18.38 -35.20 -18.62
N GLU A 448 -17.95 -34.96 -19.86
CA GLU A 448 -18.90 -34.57 -20.89
C GLU A 448 -19.93 -35.67 -21.16
N ILE A 449 -19.49 -36.94 -21.12
CA ILE A 449 -20.42 -38.09 -21.26
C ILE A 449 -21.49 -38.07 -20.17
N GLN A 450 -21.04 -37.99 -18.91
CA GLN A 450 -21.98 -37.98 -17.80
C GLN A 450 -22.95 -36.79 -17.89
N ALA A 451 -22.49 -35.67 -18.43
CA ALA A 451 -23.41 -34.54 -18.62
C ALA A 451 -24.41 -34.78 -19.76
N ILE A 452 -24.00 -35.49 -20.81
CA ILE A 452 -24.93 -35.91 -21.85
C ILE A 452 -26.10 -36.66 -21.22
N GLY A 463 -14.20 -28.76 -16.14
CA GLY A 463 -14.57 -30.16 -16.18
C GLY A 463 -13.46 -31.21 -15.98
N ALA A 464 -12.24 -30.89 -16.40
CA ALA A 464 -11.12 -31.81 -16.29
C ALA A 464 -10.62 -31.97 -14.85
N MET A 465 -9.86 -33.04 -14.61
CA MET A 465 -9.17 -33.24 -13.34
C MET A 465 -7.66 -33.14 -13.56
N LYS A 466 -7.02 -32.20 -12.86
CA LYS A 466 -5.59 -31.99 -13.00
C LYS A 466 -4.91 -32.12 -11.64
N THR A 467 -3.58 -32.29 -11.68
CA THR A 467 -2.77 -32.26 -10.47
C THR A 467 -3.03 -30.98 -9.70
N LEU A 468 -3.25 -31.13 -8.40
CA LEU A 468 -3.23 -29.96 -7.56
C LEU A 468 -1.85 -29.75 -6.98
N CYS A 469 -1.23 -30.81 -6.45
CA CYS A 469 0.12 -30.63 -5.89
C CYS A 469 0.68 -31.95 -5.38
N ILE A 470 1.99 -31.96 -5.16
CA ILE A 470 2.61 -33.13 -4.56
C ILE A 470 2.89 -32.78 -3.11
N PRO A 471 2.04 -33.21 -2.17
CA PRO A 471 2.13 -32.74 -0.78
C PRO A 471 3.49 -33.02 -0.17
N PHE A 472 4.00 -32.01 0.55
CA PHE A 472 5.18 -32.19 1.39
C PHE A 472 5.02 -33.41 2.30
N ASP A 473 3.93 -33.46 3.08
CA ASP A 473 3.64 -34.57 4.00
C ASP A 473 3.19 -35.76 3.18
N GLN A 474 4.10 -36.70 2.97
CA GLN A 474 3.84 -37.85 2.12
C GLN A 474 3.40 -39.03 2.96
N PRO A 475 2.13 -39.43 2.90
CA PRO A 475 1.67 -40.62 3.64
C PRO A 475 2.49 -41.84 3.27
N PRO A 476 2.35 -42.94 4.01
CA PRO A 476 3.22 -44.11 3.76
C PRO A 476 3.05 -44.64 2.33
N MET A 477 4.18 -44.98 1.71
CA MET A 477 4.22 -45.54 0.36
C MET A 477 4.77 -46.96 0.38
N PRO A 478 3.90 -47.99 0.35
CA PRO A 478 4.40 -49.39 0.40
C PRO A 478 5.46 -49.67 -0.65
N GLU A 479 6.21 -50.77 -0.49
CA GLU A 479 7.43 -50.96 -1.27
C GLU A 479 7.12 -51.24 -2.75
N GLY A 480 6.03 -51.95 -3.04
CA GLY A 480 5.76 -52.37 -4.40
C GLY A 480 4.83 -51.48 -5.21
N THR A 481 4.44 -50.32 -4.69
CA THR A 481 3.25 -49.63 -5.18
C THR A 481 3.43 -49.10 -6.61
N LYS A 482 2.35 -49.21 -7.39
CA LYS A 482 2.33 -48.87 -8.79
C LYS A 482 1.46 -47.65 -9.06
N CYS A 483 1.80 -46.92 -10.11
CA CYS A 483 1.06 -45.73 -10.51
C CYS A 483 -0.39 -46.05 -10.83
N PHE A 484 -1.31 -45.27 -10.24
CA PHE A 484 -2.75 -45.45 -10.37
C PHE A 484 -3.29 -45.26 -11.78
N TYR A 485 -2.47 -44.80 -12.72
CA TYR A 485 -2.98 -44.60 -14.08
C TYR A 485 -2.25 -45.43 -15.11
N THR A 486 -0.93 -45.55 -14.99
CA THR A 486 -0.11 -46.23 -15.96
C THR A 486 0.34 -47.61 -15.54
N GLY A 487 0.20 -47.99 -14.26
CA GLY A 487 0.78 -49.22 -13.81
C GLY A 487 2.26 -49.19 -13.59
N LYS A 488 2.95 -48.13 -14.03
CA LYS A 488 4.39 -48.03 -13.87
C LYS A 488 4.72 -47.82 -12.40
N PRO A 489 5.99 -48.01 -12.00
CA PRO A 489 6.34 -47.87 -10.58
C PRO A 489 6.00 -46.48 -10.07
N ALA A 490 5.37 -46.44 -8.91
CA ALA A 490 4.97 -45.16 -8.35
C ALA A 490 6.18 -44.39 -7.83
N LYS A 491 6.09 -43.07 -7.91
CA LYS A 491 7.11 -42.21 -7.32
C LYS A 491 6.60 -41.55 -6.05
N ARG A 492 5.52 -40.76 -6.11
CA ARG A 492 5.06 -40.10 -4.90
C ARG A 492 3.54 -39.96 -4.89
N TRP A 493 3.00 -39.76 -3.70
CA TRP A 493 1.59 -39.41 -3.54
C TRP A 493 1.31 -38.04 -4.13
N THR A 494 0.24 -37.95 -4.90
CA THR A 494 -0.10 -36.72 -5.59
C THR A 494 -1.58 -36.43 -5.46
N LEU A 495 -1.89 -35.17 -5.21
CA LEU A 495 -3.25 -34.70 -4.98
C LEU A 495 -3.78 -34.10 -6.27
N TRP A 496 -4.90 -34.66 -6.73
CA TRP A 496 -5.57 -34.38 -7.98
C TRP A 496 -6.99 -33.91 -7.71
N GLY A 497 -7.53 -33.18 -8.68
CA GLY A 497 -8.94 -32.85 -8.61
C GLY A 497 -9.29 -31.78 -9.60
N ARG A 498 -10.59 -31.55 -9.72
CA ARG A 498 -11.09 -30.39 -10.46
C ARG A 498 -10.55 -29.13 -9.80
N SER A 499 -10.45 -28.06 -10.58
CA SER A 499 -9.72 -26.91 -10.08
C SER A 499 -10.31 -25.62 -10.66
N TYR A 500 -9.88 -24.51 -10.08
CA TYR A 500 -10.02 -23.20 -10.70
C TYR A 500 -8.84 -22.96 -11.64
N VAL B 4 29.65 12.42 -4.62
CA VAL B 4 28.85 13.45 -5.33
C VAL B 4 29.74 14.63 -5.68
N THR B 5 29.88 14.91 -6.97
CA THR B 5 30.83 15.94 -7.40
C THR B 5 30.18 17.32 -7.50
N ALA B 6 29.00 17.42 -8.13
CA ALA B 6 28.37 18.71 -8.37
C ALA B 6 28.02 19.41 -7.07
N LYS B 7 27.90 20.73 -7.15
CA LYS B 7 27.72 21.57 -5.98
C LYS B 7 26.35 22.22 -6.05
N LYS B 8 25.59 22.04 -4.97
CA LYS B 8 24.16 22.32 -4.96
C LYS B 8 23.87 23.75 -5.42
N ASP B 9 24.55 24.73 -4.79
CA ASP B 9 24.34 26.14 -5.09
C ASP B 9 24.73 26.48 -6.52
N GLU B 10 25.53 25.65 -7.17
CA GLU B 10 25.95 25.97 -8.53
C GLU B 10 25.09 25.24 -9.55
N ASN B 11 25.36 23.97 -9.82
CA ASN B 11 24.53 23.25 -10.79
C ASN B 11 23.51 22.41 -10.03
N PHE B 12 22.35 23.03 -9.81
CA PHE B 12 21.32 22.40 -8.99
C PHE B 12 20.80 21.13 -9.64
N SER B 13 20.51 21.19 -10.95
CA SER B 13 19.88 20.04 -11.61
C SER B 13 20.81 18.83 -11.63
N GLU B 14 22.08 19.04 -11.98
CA GLU B 14 23.02 17.91 -11.92
C GLU B 14 23.25 17.46 -10.49
N TRP B 15 23.22 18.39 -9.53
CA TRP B 15 23.28 18.03 -8.12
C TRP B 15 22.16 17.06 -7.76
N TYR B 16 20.93 17.41 -8.12
CA TYR B 16 19.77 16.60 -7.79
C TYR B 16 19.89 15.21 -8.42
N THR B 17 20.23 15.17 -9.70
CA THR B 17 20.34 13.87 -10.38
C THR B 17 21.39 12.99 -9.71
N GLN B 18 22.58 13.54 -9.45
CA GLN B 18 23.57 12.75 -8.75
C GLN B 18 23.08 12.33 -7.37
N ALA B 19 22.53 13.26 -6.59
CA ALA B 19 22.13 12.99 -5.21
C ALA B 19 21.16 11.82 -5.15
N ILE B 20 20.19 11.78 -6.05
CA ILE B 20 19.22 10.71 -5.96
C ILE B 20 19.64 9.43 -6.68
N VAL B 21 20.69 9.48 -7.49
CA VAL B 21 21.13 8.25 -8.15
C VAL B 21 22.16 7.53 -7.32
N ARG B 22 23.15 8.27 -6.81
CA ARG B 22 24.22 7.67 -6.05
C ARG B 22 23.80 7.32 -4.63
N SER B 23 22.69 7.86 -4.17
CA SER B 23 22.06 7.42 -2.93
C SER B 23 21.22 6.18 -3.11
N GLU B 24 21.11 5.66 -4.33
CA GLU B 24 20.29 4.48 -4.58
C GLU B 24 18.84 4.73 -4.17
N MET B 25 18.33 5.89 -4.56
CA MET B 25 16.89 6.12 -4.45
C MET B 25 16.18 5.74 -5.75
N ILE B 26 16.57 6.34 -6.86
CA ILE B 26 15.92 6.03 -8.11
C ILE B 26 16.89 5.22 -8.94
N GLU B 27 16.33 4.42 -9.84
CA GLU B 27 17.06 3.78 -10.94
C GLU B 27 16.34 4.10 -12.26
N TYR B 28 17.11 4.30 -13.33
CA TYR B 28 16.51 4.80 -14.55
C TYR B 28 15.89 3.65 -15.35
N TYR B 29 15.10 4.04 -16.34
CA TYR B 29 14.18 3.12 -16.99
C TYR B 29 14.08 3.47 -18.47
N ASP B 30 13.75 2.47 -19.31
CA ASP B 30 13.44 2.68 -20.73
C ASP B 30 12.49 3.84 -20.93
N ILE B 31 11.25 3.63 -20.49
CA ILE B 31 10.14 4.56 -20.62
C ILE B 31 10.48 5.83 -19.83
N SER B 32 10.84 6.93 -20.52
CA SER B 32 11.22 8.12 -19.79
C SER B 32 9.98 8.87 -19.34
N GLY B 33 9.98 9.26 -18.08
CA GLY B 33 8.80 9.70 -17.37
C GLY B 33 8.44 8.79 -16.22
N CYS B 34 9.08 7.62 -16.16
CA CYS B 34 8.77 6.59 -15.17
C CYS B 34 10.08 6.08 -14.60
N TYR B 35 10.16 6.02 -13.28
CA TYR B 35 11.41 5.67 -12.63
C TYR B 35 11.21 4.52 -11.66
N ILE B 36 12.28 3.79 -11.39
CA ILE B 36 12.28 2.71 -10.39
C ILE B 36 12.57 3.31 -9.03
N MET B 37 11.63 3.18 -8.10
CA MET B 37 11.83 3.71 -6.76
C MET B 37 12.42 2.63 -5.88
N ARG B 38 13.69 2.75 -5.51
CA ARG B 38 14.35 1.70 -4.74
C ARG B 38 14.08 1.90 -3.25
N PRO B 39 14.36 0.86 -2.44
CA PRO B 39 14.08 0.93 -0.99
C PRO B 39 14.50 2.19 -0.24
N TRP B 40 15.74 2.63 -0.40
CA TRP B 40 16.17 3.80 0.38
C TRP B 40 15.15 4.96 0.36
N ALA B 41 14.39 5.11 -0.73
CA ALA B 41 13.33 6.12 -0.91
C ALA B 41 11.93 5.61 -0.55
N PHE B 42 11.60 4.41 -1.03
CA PHE B 42 10.28 3.87 -0.79
C PHE B 42 10.01 3.73 0.71
N HIS B 43 11.05 3.51 1.52
CA HIS B 43 10.80 3.49 2.96
C HIS B 43 10.26 4.82 3.46
N ILE B 44 10.84 5.92 3.01
CA ILE B 44 10.26 7.22 3.35
C ILE B 44 8.79 7.28 2.94
N TRP B 45 8.50 6.78 1.73
CA TRP B 45 7.10 6.81 1.31
C TRP B 45 6.25 5.97 2.24
N GLU B 46 6.77 4.83 2.69
CA GLU B 46 6.04 3.97 3.63
C GLU B 46 5.82 4.68 4.95
N LYS B 47 6.80 5.47 5.40
CA LYS B 47 6.72 6.11 6.70
C LYS B 47 5.63 7.19 6.71
N VAL B 48 5.65 8.05 5.68
CA VAL B 48 4.61 9.08 5.67
C VAL B 48 3.26 8.48 5.30
N GLN B 49 3.24 7.42 4.49
CA GLN B 49 1.98 6.77 4.16
C GLN B 49 1.32 6.28 5.44
N ARG B 50 2.10 5.64 6.31
CA ARG B 50 1.57 5.19 7.57
C ARG B 50 1.10 6.36 8.43
N PHE B 51 1.90 7.40 8.52
CA PHE B 51 1.48 8.54 9.32
C PHE B 51 0.11 9.04 8.89
N PHE B 52 0.03 9.49 7.64
CA PHE B 52 -1.20 10.09 7.13
C PHE B 52 -2.37 9.10 7.19
N ASP B 53 -2.12 7.82 6.93
CA ASP B 53 -3.16 6.82 6.96
C ASP B 53 -3.74 6.66 8.37
N ASP B 54 -2.87 6.61 9.38
CA ASP B 54 -3.37 6.58 10.75
C ASP B 54 -4.23 7.81 11.03
N GLU B 55 -3.77 8.96 10.55
CA GLU B 55 -4.49 10.19 10.91
C GLU B 55 -5.86 10.23 10.25
N ILE B 56 -5.98 9.74 9.01
CA ILE B 56 -7.29 9.87 8.36
C ILE B 56 -8.22 8.78 8.86
N LYS B 57 -7.67 7.60 9.21
CA LYS B 57 -8.53 6.58 9.81
C LYS B 57 -9.15 7.08 11.09
N LYS B 58 -8.41 7.90 11.86
CA LYS B 58 -9.08 8.29 13.08
C LYS B 58 -10.17 9.32 12.85
N MET B 59 -10.19 9.97 11.68
CA MET B 59 -11.24 10.88 11.24
C MET B 59 -12.44 10.17 10.64
N GLY B 60 -12.41 8.85 10.56
CA GLY B 60 -13.51 8.14 9.94
C GLY B 60 -13.31 7.84 8.48
N VAL B 61 -12.16 8.20 7.89
CA VAL B 61 -11.93 7.85 6.49
C VAL B 61 -11.58 6.37 6.37
N GLU B 62 -12.05 5.73 5.31
CA GLU B 62 -11.77 4.32 5.08
C GLU B 62 -11.20 4.10 3.69
N ASN B 63 -10.28 3.17 3.58
CA ASN B 63 -9.59 2.96 2.32
C ASN B 63 -10.40 2.05 1.43
N SER B 64 -10.12 2.12 0.14
CA SER B 64 -10.71 1.20 -0.81
C SER B 64 -9.74 1.04 -1.97
N TYR B 65 -10.17 0.25 -2.96
CA TYR B 65 -9.48 0.23 -4.24
C TYR B 65 -10.52 0.23 -5.32
N PHE B 66 -10.46 1.23 -6.20
CA PHE B 66 -11.19 1.24 -7.45
C PHE B 66 -10.30 0.75 -8.59
N PRO B 67 -10.87 0.31 -9.71
CA PRO B 67 -10.03 -0.10 -10.86
C PRO B 67 -9.27 1.07 -11.48
N MET B 68 -8.31 0.72 -12.34
CA MET B 68 -7.50 1.71 -13.01
C MET B 68 -8.00 2.05 -14.41
N PHE B 69 -9.01 1.34 -14.88
CA PHE B 69 -9.54 1.51 -16.22
C PHE B 69 -10.89 2.20 -16.14
N VAL B 70 -11.01 3.29 -16.89
CA VAL B 70 -12.26 4.01 -17.08
C VAL B 70 -12.56 3.99 -18.56
N SER B 71 -13.81 3.72 -18.94
CA SER B 71 -14.09 3.63 -20.37
C SER B 71 -14.78 4.88 -20.90
N ARG B 72 -14.58 5.07 -22.22
CA ARG B 72 -14.90 6.30 -22.94
C ARG B 72 -16.18 6.96 -22.45
N HIS B 73 -17.26 6.18 -22.33
CA HIS B 73 -18.50 6.67 -21.74
C HIS B 73 -18.23 7.31 -20.39
N VAL B 89 -4.37 12.33 -21.40
CA VAL B 89 -4.91 11.02 -21.03
C VAL B 89 -4.39 9.93 -21.95
N ALA B 90 -3.94 8.84 -21.34
CA ALA B 90 -3.32 7.72 -22.03
C ALA B 90 -4.36 6.65 -22.27
N TRP B 91 -4.33 6.06 -23.46
CA TRP B 91 -5.36 5.14 -23.93
C TRP B 91 -4.73 3.82 -24.37
N VAL B 92 -5.38 2.70 -24.03
CA VAL B 92 -4.88 1.36 -24.32
C VAL B 92 -5.84 0.68 -25.29
N THR B 93 -5.32 0.18 -26.43
CA THR B 93 -6.17 -0.41 -27.47
C THR B 93 -6.10 -1.92 -27.63
N HIS B 94 -4.95 -2.56 -27.78
CA HIS B 94 -4.98 -3.94 -28.23
C HIS B 94 -4.74 -4.93 -27.09
N TYR B 95 -5.57 -5.97 -27.01
CA TYR B 95 -5.38 -7.04 -26.02
C TYR B 95 -4.18 -7.91 -26.40
N PRO B 99 -6.55 -5.13 -31.48
CA PRO B 99 -8.00 -5.28 -31.66
C PRO B 99 -8.84 -5.04 -30.39
N LEU B 100 -9.36 -3.82 -30.14
CA LEU B 100 -10.27 -3.64 -29.01
C LEU B 100 -11.64 -3.14 -29.44
N PRO B 101 -12.70 -3.61 -28.77
CA PRO B 101 -14.03 -3.02 -28.96
C PRO B 101 -14.10 -1.53 -28.59
N GLU B 102 -13.59 -1.15 -27.42
CA GLU B 102 -13.46 0.27 -27.06
C GLU B 102 -12.12 0.52 -26.37
N LYS B 103 -11.39 1.54 -26.84
CA LYS B 103 -10.24 2.07 -26.12
C LYS B 103 -10.63 2.40 -24.68
N ILE B 104 -9.88 1.85 -23.72
CA ILE B 104 -10.05 2.18 -22.32
C ILE B 104 -8.84 2.96 -21.86
N ALA B 105 -9.08 3.91 -20.96
CA ALA B 105 -8.02 4.76 -20.43
C ALA B 105 -7.60 4.29 -19.06
N ILE B 106 -6.46 4.78 -18.65
CA ILE B 106 -5.90 4.48 -17.39
C ILE B 106 -6.11 5.73 -16.62
N ARG B 107 -6.58 5.58 -15.42
CA ARG B 107 -6.92 6.75 -14.65
C ARG B 107 -5.82 7.73 -14.39
N PRO B 108 -6.10 8.99 -14.70
CA PRO B 108 -5.23 10.11 -14.38
C PRO B 108 -5.58 10.66 -13.01
N THR B 109 -6.81 10.36 -12.59
CA THR B 109 -7.44 10.68 -11.34
C THR B 109 -8.71 9.84 -11.31
N SER B 110 -9.29 9.63 -10.16
CA SER B 110 -10.44 8.74 -10.12
C SER B 110 -11.84 9.26 -9.99
N GLU B 111 -12.04 10.56 -10.11
CA GLU B 111 -13.38 11.14 -9.99
C GLU B 111 -14.42 10.47 -10.81
N THR B 112 -14.11 10.23 -12.05
CA THR B 112 -15.13 9.62 -12.90
C THR B 112 -15.30 8.13 -12.63
N ILE B 113 -14.31 7.49 -12.02
CA ILE B 113 -14.49 6.06 -11.71
C ILE B 113 -15.30 5.87 -10.45
N MET B 114 -15.16 6.80 -9.50
CA MET B 114 -15.80 6.72 -8.20
C MET B 114 -17.19 7.32 -8.19
N TYR B 115 -17.34 8.55 -8.69
CA TYR B 115 -18.59 9.26 -8.42
C TYR B 115 -19.86 8.59 -8.94
N PRO B 116 -19.85 7.80 -10.03
CA PRO B 116 -21.05 6.97 -10.30
C PRO B 116 -21.38 6.05 -9.13
N ALA B 117 -20.37 5.39 -8.55
CA ALA B 117 -20.65 4.56 -7.40
C ALA B 117 -21.20 5.40 -6.25
N TYR B 118 -20.66 6.60 -6.08
CA TYR B 118 -21.21 7.53 -5.10
C TYR B 118 -22.68 7.78 -5.36
N ALA B 119 -23.05 8.03 -6.62
CA ALA B 119 -24.45 8.20 -6.98
C ALA B 119 -25.28 7.00 -6.56
N LYS B 120 -24.74 5.79 -6.72
CA LYS B 120 -25.52 4.61 -6.40
C LYS B 120 -25.62 4.37 -4.88
N TRP B 121 -24.58 4.67 -4.12
CA TRP B 121 -24.54 4.31 -2.72
C TRP B 121 -25.20 5.31 -1.81
N ILE B 122 -25.38 6.54 -2.26
CA ILE B 122 -25.97 7.57 -1.41
C ILE B 122 -27.44 7.72 -1.80
N ARG B 123 -28.32 7.50 -0.84
CA ARG B 123 -29.75 7.66 -1.06
C ARG B 123 -30.39 8.56 -0.01
N SER B 124 -30.03 8.41 1.25
CA SER B 124 -30.62 9.15 2.36
C SER B 124 -29.54 9.96 3.07
N HIS B 125 -29.97 10.82 4.00
CA HIS B 125 -29.01 11.43 4.91
C HIS B 125 -28.39 10.39 5.85
N ARG B 126 -29.01 9.21 5.96
CA ARG B 126 -28.47 8.13 6.80
C ARG B 126 -27.12 7.67 6.26
N ASP B 127 -26.93 7.79 4.95
CA ASP B 127 -25.68 7.44 4.29
C ASP B 127 -24.63 8.51 4.35
N LEU B 128 -24.84 9.63 5.04
CA LEU B 128 -23.77 10.62 5.05
C LEU B 128 -23.22 10.77 6.45
N PRO B 129 -21.93 11.11 6.61
CA PRO B 129 -20.99 11.37 5.50
C PRO B 129 -20.34 10.14 4.89
N LEU B 130 -20.00 10.23 3.61
CA LEU B 130 -19.27 9.18 2.92
C LEU B 130 -17.82 9.64 2.76
N LYS B 131 -16.89 8.95 3.40
CA LYS B 131 -15.48 9.32 3.36
C LYS B 131 -14.64 8.14 2.86
N LEU B 132 -14.06 8.27 1.66
CA LEU B 132 -13.23 7.19 1.15
C LEU B 132 -11.86 7.73 0.74
N ASN B 133 -10.94 6.81 0.49
CA ASN B 133 -9.56 7.15 0.18
C ASN B 133 -8.90 5.95 -0.50
N GLN B 134 -7.90 6.22 -1.35
CA GLN B 134 -7.13 5.10 -1.84
C GLN B 134 -5.68 5.51 -2.06
N TRP B 135 -4.82 4.50 -2.06
CA TRP B 135 -3.39 4.61 -2.32
C TRP B 135 -3.09 3.84 -3.59
N CYS B 136 -2.77 4.54 -4.67
CA CYS B 136 -2.62 3.90 -5.97
C CYS B 136 -1.54 4.60 -6.76
N SER B 137 -1.34 4.16 -7.98
CA SER B 137 -0.54 4.91 -8.93
C SER B 137 -1.50 5.57 -9.92
N VAL B 138 -1.08 6.71 -10.46
CA VAL B 138 -1.81 7.36 -11.54
C VAL B 138 -0.83 7.65 -12.67
N VAL B 139 -1.39 7.93 -13.85
CA VAL B 139 -0.60 8.16 -15.07
C VAL B 139 -1.10 9.43 -15.73
N ARG B 140 -0.28 10.48 -15.67
CA ARG B 140 -0.52 11.71 -16.42
C ARG B 140 0.61 11.85 -17.42
N TRP B 141 0.28 11.82 -18.70
CA TRP B 141 1.26 11.60 -19.75
C TRP B 141 1.50 12.90 -20.52
N GLU B 142 2.29 13.80 -19.95
CA GLU B 142 2.62 15.05 -20.62
C GLU B 142 3.91 14.87 -21.43
N PHE B 143 4.05 15.66 -22.49
CA PHE B 143 5.20 15.51 -23.38
C PHE B 143 6.37 16.41 -23.01
N LYS B 144 6.22 17.29 -22.01
CA LYS B 144 7.33 18.09 -21.53
C LYS B 144 8.31 17.20 -20.74
N GLN B 145 9.50 17.78 -20.42
CA GLN B 145 10.55 16.91 -19.88
C GLN B 145 10.30 16.61 -18.39
N PRO B 146 10.48 15.37 -17.98
CA PRO B 146 10.23 15.03 -16.58
C PRO B 146 11.41 15.39 -15.70
N THR B 147 11.09 15.65 -14.44
CA THR B 147 12.05 15.77 -13.35
C THR B 147 11.66 14.75 -12.28
N PRO B 148 12.55 13.86 -11.86
CA PRO B 148 12.13 12.71 -11.01
C PRO B 148 11.56 13.12 -9.66
N PHE B 149 10.68 12.25 -9.15
CA PHE B 149 9.88 12.48 -7.94
C PHE B 149 8.85 13.59 -8.14
N LEU B 150 9.25 14.67 -8.82
CA LEU B 150 8.54 15.95 -8.86
C LEU B 150 7.53 16.05 -9.99
N ARG B 151 7.86 15.61 -11.20
CA ARG B 151 6.91 15.68 -12.31
C ARG B 151 7.16 14.46 -13.19
N THR B 152 6.42 13.38 -12.92
CA THR B 152 6.62 12.12 -13.60
C THR B 152 5.34 11.72 -14.33
N ARG B 153 5.50 10.89 -15.37
CA ARG B 153 4.36 10.37 -16.11
C ARG B 153 3.61 9.28 -15.34
N GLU B 154 4.26 8.61 -14.39
CA GLU B 154 3.61 7.75 -13.43
C GLU B 154 4.06 8.10 -12.03
N PHE B 155 3.10 8.21 -11.11
CA PHE B 155 3.50 8.47 -9.74
C PHE B 155 2.54 7.81 -8.77
N LEU B 156 3.07 7.44 -7.62
CA LEU B 156 2.26 6.98 -6.51
C LEU B 156 1.60 8.17 -5.81
N TRP B 157 0.36 7.99 -5.38
CA TRP B 157 -0.28 9.01 -4.58
C TRP B 157 -1.34 8.37 -3.69
N GLN B 158 -1.92 9.19 -2.83
CA GLN B 158 -3.24 8.87 -2.32
C GLN B 158 -4.19 9.98 -2.75
N GLU B 159 -5.42 9.57 -3.02
CA GLU B 159 -6.54 10.47 -3.29
C GLU B 159 -7.72 10.09 -2.41
N GLY B 160 -8.21 11.07 -1.67
CA GLY B 160 -9.40 10.89 -0.86
C GLY B 160 -10.54 11.71 -1.43
N HIS B 161 -11.75 11.15 -1.31
CA HIS B 161 -12.99 11.74 -1.80
C HIS B 161 -14.08 11.58 -0.75
N THR B 162 -14.61 12.70 -0.27
CA THR B 162 -15.72 12.64 0.66
C THR B 162 -16.93 13.39 0.11
N ALA B 163 -18.05 13.16 0.81
CA ALA B 163 -19.34 13.74 0.48
C ALA B 163 -20.11 13.95 1.77
N HIS B 164 -20.73 15.12 1.89
CA HIS B 164 -21.33 15.58 3.12
C HIS B 164 -22.71 16.17 2.83
N ALA B 165 -23.50 16.30 3.89
CA ALA B 165 -24.86 16.83 3.78
C ALA B 165 -24.88 18.35 3.80
N THR B 166 -24.07 18.97 4.65
CA THR B 166 -23.94 20.42 4.74
C THR B 166 -22.78 20.91 3.89
N GLU B 167 -22.67 22.23 3.73
CA GLU B 167 -21.44 22.78 3.17
C GLU B 167 -20.36 22.91 4.24
N GLU B 168 -20.77 23.23 5.48
CA GLU B 168 -19.82 23.48 6.55
C GLU B 168 -19.06 22.22 6.94
N GLU B 169 -19.72 21.07 6.89
CA GLU B 169 -19.04 19.82 7.17
C GLU B 169 -17.91 19.57 6.18
N ALA B 170 -18.23 19.68 4.87
CA ALA B 170 -17.21 19.46 3.84
C ALA B 170 -16.05 20.42 4.01
N TRP B 171 -16.36 21.69 4.27
CA TRP B 171 -15.30 22.66 4.51
C TRP B 171 -14.42 22.23 5.67
N GLU B 172 -15.04 21.86 6.79
CA GLU B 172 -14.25 21.52 7.96
C GLU B 172 -13.31 20.36 7.66
N LEU B 173 -13.80 19.40 6.89
CA LEU B 173 -12.97 18.27 6.56
C LEU B 173 -11.83 18.67 5.64
N VAL B 174 -12.05 19.62 4.73
CA VAL B 174 -10.89 19.91 3.89
C VAL B 174 -9.85 20.68 4.69
N LEU B 175 -10.28 21.51 5.66
CA LEU B 175 -9.25 22.20 6.45
C LEU B 175 -8.53 21.22 7.35
N ASP B 176 -9.22 20.19 7.82
CA ASP B 176 -8.57 19.17 8.62
C ASP B 176 -7.55 18.39 7.79
N ILE B 177 -7.96 17.97 6.58
CA ILE B 177 -7.03 17.30 5.67
C ILE B 177 -5.82 18.19 5.39
N LEU B 178 -6.04 19.48 5.16
CA LEU B 178 -4.91 20.35 4.85
C LEU B 178 -3.98 20.44 6.05
N GLU B 179 -4.53 20.44 7.27
CA GLU B 179 -3.66 20.40 8.43
C GLU B 179 -2.83 19.12 8.44
N LEU B 180 -3.47 17.98 8.16
CA LEU B 180 -2.72 16.72 8.06
C LEU B 180 -1.59 16.84 7.04
N TYR B 181 -1.87 17.44 5.88
CA TYR B 181 -0.82 17.63 4.88
C TYR B 181 0.30 18.44 5.46
N ARG B 182 -0.04 19.51 6.20
CA ARG B 182 1.01 20.32 6.78
C ARG B 182 1.89 19.49 7.70
N ARG B 183 1.29 18.67 8.57
CA ARG B 183 2.08 17.81 9.45
C ARG B 183 2.97 16.86 8.64
N TRP B 184 2.36 16.09 7.73
CA TRP B 184 3.10 15.27 6.76
C TRP B 184 4.36 15.97 6.27
N TYR B 185 4.26 17.26 5.92
CA TYR B 185 5.47 17.91 5.45
C TYR B 185 6.35 18.38 6.60
N GLU B 186 5.79 19.14 7.53
CA GLU B 186 6.56 19.78 8.60
C GLU B 186 6.92 18.80 9.71
N GLU B 187 5.95 18.07 10.23
CA GLU B 187 6.18 17.14 11.34
C GLU B 187 7.00 15.91 10.90
N CYS B 188 6.82 15.40 9.68
CA CYS B 188 7.56 14.21 9.23
C CYS B 188 8.81 14.53 8.41
N LEU B 189 8.64 15.20 7.27
CA LEU B 189 9.77 15.51 6.41
C LEU B 189 10.55 16.73 6.86
N ALA B 190 10.07 17.46 7.85
CA ALA B 190 10.72 18.70 8.32
C ALA B 190 10.83 19.74 7.21
N VAL B 191 9.87 19.75 6.29
CA VAL B 191 9.86 20.67 5.16
C VAL B 191 8.76 21.70 5.44
N PRO B 192 9.09 22.98 5.64
CA PRO B 192 8.07 23.97 5.97
C PRO B 192 7.28 24.35 4.74
N VAL B 193 6.00 24.62 4.95
CA VAL B 193 5.07 24.90 3.86
C VAL B 193 4.06 25.93 4.32
N ILE B 194 3.50 26.64 3.34
CA ILE B 194 2.54 27.70 3.58
C ILE B 194 1.16 27.18 3.24
N LYS B 195 0.24 27.27 4.21
CA LYS B 195 -1.18 26.98 4.01
C LYS B 195 -1.85 28.12 3.26
N GLY B 196 -2.37 27.85 2.05
CA GLY B 196 -2.95 28.89 1.25
C GLY B 196 -4.23 28.44 0.56
N GLU B 197 -4.88 29.43 -0.06
CA GLU B 197 -6.02 29.25 -0.95
C GLU B 197 -5.57 29.62 -2.36
N LYS B 198 -6.09 28.93 -3.37
CA LYS B 198 -5.62 29.11 -4.73
C LYS B 198 -6.51 30.08 -5.51
N SER B 199 -5.89 30.88 -6.37
CA SER B 199 -6.59 31.80 -7.27
C SER B 199 -7.74 31.10 -7.94
N GLU B 200 -8.75 31.87 -8.34
CA GLU B 200 -9.77 31.24 -9.16
C GLU B 200 -9.27 30.90 -10.56
N GLY B 201 -8.13 31.45 -10.97
CA GLY B 201 -7.51 31.03 -12.21
C GLY B 201 -6.76 29.71 -12.13
N GLU B 202 -6.19 29.44 -10.97
CA GLU B 202 -5.39 28.26 -10.77
C GLU B 202 -6.09 27.21 -9.97
N LYS B 203 -7.30 27.50 -9.54
CA LYS B 203 -8.10 26.58 -8.75
C LYS B 203 -8.62 25.46 -9.57
N PHE B 204 -9.02 24.38 -8.93
CA PHE B 204 -9.47 23.25 -9.68
C PHE B 204 -10.70 23.57 -10.50
N ALA B 205 -10.61 23.31 -11.78
CA ALA B 205 -11.70 23.58 -12.66
C ALA B 205 -12.70 22.59 -12.22
N GLY B 206 -13.92 23.01 -11.98
CA GLY B 206 -14.88 22.05 -11.50
C GLY B 206 -14.92 22.01 -10.00
N GLY B 207 -14.15 22.84 -9.35
CA GLY B 207 -14.16 22.91 -7.92
C GLY B 207 -14.70 24.25 -7.54
N LYS B 208 -15.05 24.38 -6.29
CA LYS B 208 -15.60 25.65 -5.81
C LYS B 208 -14.53 26.51 -5.16
N LYS B 209 -13.72 25.91 -4.30
CA LYS B 209 -12.57 26.60 -3.74
C LYS B 209 -11.48 25.56 -3.51
N THR B 210 -10.25 25.88 -3.92
CA THR B 210 -9.11 24.98 -3.78
C THR B 210 -8.16 25.51 -2.72
N THR B 211 -7.82 24.68 -1.76
CA THR B 211 -6.77 25.00 -0.80
C THR B 211 -5.53 24.16 -1.07
N THR B 212 -4.40 24.60 -0.53
CA THR B 212 -3.11 24.06 -0.94
C THR B 212 -2.09 24.29 0.17
N VAL B 213 -1.01 23.50 0.14
CA VAL B 213 0.21 23.80 0.88
C VAL B 213 1.33 24.00 -0.12
N GLU B 214 2.16 25.00 0.12
CA GLU B 214 3.13 25.45 -0.85
C GLU B 214 4.53 25.40 -0.26
N ALA B 215 5.48 24.97 -1.08
CA ALA B 215 6.87 24.82 -0.70
C ALA B 215 7.74 25.66 -1.63
N PHE B 216 9.00 25.87 -1.22
CA PHE B 216 9.89 26.82 -1.89
C PHE B 216 11.27 26.24 -2.07
N ILE B 217 11.69 26.10 -3.33
CA ILE B 217 13.03 25.65 -3.67
C ILE B 217 13.91 26.90 -3.84
N PRO B 218 14.82 27.17 -2.91
CA PRO B 218 15.64 28.40 -2.99
C PRO B 218 16.66 28.39 -4.12
N GLU B 219 17.15 27.23 -4.55
CA GLU B 219 18.24 27.21 -5.52
C GLU B 219 17.80 27.68 -6.89
N ASN B 220 16.55 27.40 -7.26
CA ASN B 220 15.99 27.96 -8.49
C ASN B 220 14.81 28.87 -8.19
N GLY B 221 14.66 29.29 -6.94
CA GLY B 221 13.69 30.32 -6.60
C GLY B 221 12.24 29.96 -6.90
N ARG B 222 11.92 28.69 -7.06
CA ARG B 222 10.60 28.34 -7.55
C ARG B 222 9.70 27.92 -6.40
N GLY B 223 8.41 28.18 -6.55
CA GLY B 223 7.44 27.61 -5.66
C GLY B 223 6.95 26.29 -6.20
N ILE B 224 6.30 25.51 -5.35
CA ILE B 224 5.84 24.20 -5.78
C ILE B 224 4.71 23.74 -4.89
N GLN B 225 3.72 23.09 -5.50
CA GLN B 225 2.51 22.64 -4.83
C GLN B 225 2.77 21.32 -4.10
N ALA B 226 2.78 21.35 -2.76
CA ALA B 226 3.11 20.18 -1.97
C ALA B 226 1.96 19.17 -1.93
N ALA B 227 0.77 19.65 -1.58
CA ALA B 227 -0.44 18.85 -1.61
C ALA B 227 -1.62 19.83 -1.76
N THR B 228 -2.79 19.29 -2.09
CA THR B 228 -3.96 20.13 -2.25
C THR B 228 -5.18 19.46 -1.62
N SER B 229 -6.13 20.28 -1.18
CA SER B 229 -7.37 19.80 -0.56
C SER B 229 -8.51 20.64 -1.11
N HIS B 230 -9.34 20.05 -1.95
CA HIS B 230 -10.40 20.75 -2.66
C HIS B 230 -11.75 20.77 -1.95
N LEU B 231 -12.41 21.93 -1.98
CA LEU B 231 -13.85 22.04 -1.68
C LEU B 231 -14.61 22.00 -2.99
N LEU B 232 -15.14 20.83 -3.34
CA LEU B 232 -15.77 20.68 -4.64
C LEU B 232 -17.16 21.27 -4.64
N GLY B 233 -17.80 21.31 -3.48
CA GLY B 233 -19.18 21.79 -3.48
C GLY B 233 -20.11 20.80 -4.18
N THR B 234 -21.03 21.33 -4.98
CA THR B 234 -22.10 20.49 -5.52
C THR B 234 -21.96 20.26 -7.02
N ASN B 235 -20.98 20.86 -7.68
CA ASN B 235 -20.94 20.78 -9.15
C ASN B 235 -20.85 19.33 -9.60
N PHE B 236 -19.95 18.55 -9.00
CA PHE B 236 -19.86 17.13 -9.33
C PHE B 236 -21.12 16.37 -8.94
N ALA B 237 -21.68 16.70 -7.78
CA ALA B 237 -22.97 16.14 -7.38
C ALA B 237 -24.03 16.34 -8.48
N LYS B 238 -24.09 17.56 -9.04
CA LYS B 238 -25.08 17.86 -10.08
C LYS B 238 -24.79 17.08 -11.34
N MET B 239 -23.51 16.92 -11.70
CA MET B 239 -23.19 16.21 -12.94
C MET B 239 -23.46 14.72 -12.83
N PHE B 240 -23.22 14.11 -11.67
CA PHE B 240 -23.32 12.65 -11.53
C PHE B 240 -24.60 12.18 -10.85
N GLU B 241 -25.51 13.09 -10.49
CA GLU B 241 -26.75 12.73 -9.81
C GLU B 241 -26.47 11.99 -8.50
N ILE B 242 -25.71 12.67 -7.64
CA ILE B 242 -25.46 12.22 -6.29
C ILE B 242 -26.31 13.07 -5.37
N GLU B 243 -27.54 12.60 -5.09
CA GLU B 243 -28.48 13.34 -4.27
C GLU B 243 -29.01 12.47 -3.14
N PHE B 244 -29.35 13.13 -2.04
CA PHE B 244 -29.92 12.47 -0.88
C PHE B 244 -31.23 13.14 -0.50
N GLU B 245 -32.14 12.37 0.09
CA GLU B 245 -33.33 12.95 0.71
C GLU B 245 -33.00 13.35 2.14
N ASP B 246 -33.29 14.59 2.47
CA ASP B 246 -33.05 15.06 3.83
C ASP B 246 -34.16 14.56 4.75
N GLU B 247 -34.10 14.96 6.03
CA GLU B 247 -35.06 14.44 6.99
C GLU B 247 -36.48 14.85 6.67
N GLU B 248 -36.67 15.98 5.97
CA GLU B 248 -37.97 16.41 5.49
C GLU B 248 -38.31 15.87 4.12
N GLY B 249 -37.50 14.97 3.57
CA GLY B 249 -37.84 14.31 2.33
C GLY B 249 -37.54 15.06 1.04
N HIS B 250 -36.88 16.22 1.10
CA HIS B 250 -36.53 16.96 -0.10
C HIS B 250 -35.22 16.42 -0.67
N LYS B 251 -35.17 16.24 -1.99
CA LYS B 251 -33.95 15.75 -2.61
C LYS B 251 -32.95 16.90 -2.75
N ARG B 252 -31.72 16.65 -2.32
CA ARG B 252 -30.69 17.67 -2.14
C ARG B 252 -29.39 17.17 -2.73
N LEU B 253 -28.53 18.11 -3.11
CA LEU B 253 -27.20 17.78 -3.61
C LEU B 253 -26.21 17.58 -2.46
N VAL B 254 -25.32 16.59 -2.59
CA VAL B 254 -24.26 16.42 -1.60
C VAL B 254 -23.12 17.39 -1.91
N HIS B 255 -22.44 17.83 -0.87
CA HIS B 255 -21.26 18.66 -1.01
C HIS B 255 -20.02 17.78 -0.91
N GLN B 256 -19.15 17.86 -1.89
CA GLN B 256 -18.04 16.93 -1.99
C GLN B 256 -16.71 17.63 -1.78
N THR B 257 -15.76 16.81 -1.34
CA THR B 257 -14.36 17.18 -1.21
C THR B 257 -13.52 16.13 -1.91
N SER B 258 -12.35 16.56 -2.36
CA SER B 258 -11.31 15.63 -2.72
C SER B 258 -9.98 16.22 -2.25
N TRP B 259 -8.94 15.39 -2.30
CA TRP B 259 -7.63 15.80 -1.79
C TRP B 259 -6.63 14.73 -2.16
N GLY B 260 -5.38 15.14 -2.28
CA GLY B 260 -4.37 14.22 -2.78
C GLY B 260 -2.99 14.65 -2.37
N CYS B 261 -2.12 13.66 -2.17
CA CYS B 261 -0.69 13.92 -2.03
C CYS B 261 0.10 12.81 -2.71
N THR B 262 1.34 13.15 -3.10
CA THR B 262 2.14 12.30 -3.99
C THR B 262 3.55 12.15 -3.43
N THR B 263 4.30 11.23 -4.06
CA THR B 263 5.74 11.08 -3.86
C THR B 263 6.54 12.33 -4.21
N ARG B 264 5.88 13.37 -4.73
CA ARG B 264 6.58 14.63 -4.91
C ARG B 264 7.12 15.12 -3.58
N SER B 265 6.39 14.86 -2.49
CA SER B 265 6.86 15.19 -1.14
C SER B 265 8.30 14.74 -0.97
N LEU B 266 8.58 13.52 -1.42
CA LEU B 266 9.94 12.98 -1.34
C LEU B 266 10.93 13.93 -1.99
N GLY B 267 10.71 14.23 -3.27
CA GLY B 267 11.48 15.22 -4.01
C GLY B 267 11.66 16.49 -3.23
N VAL B 268 10.54 17.08 -2.75
CA VAL B 268 10.67 18.34 -2.04
C VAL B 268 11.57 18.15 -0.84
N MET B 269 11.48 17.00 -0.19
CA MET B 269 12.30 16.82 0.99
C MET B 269 13.76 16.81 0.60
N ILE B 270 14.11 16.03 -0.43
CA ILE B 270 15.52 15.86 -0.81
C ILE B 270 16.14 17.22 -1.02
N MET B 271 15.58 17.95 -1.99
CA MET B 271 16.01 19.32 -2.29
C MET B 271 16.09 20.19 -1.05
N THR B 272 15.08 20.12 -0.18
CA THR B 272 15.08 20.99 0.98
C THR B 272 16.34 20.80 1.84
N HIS B 273 16.79 19.56 2.01
CA HIS B 273 17.78 19.29 3.05
C HIS B 273 19.15 18.92 2.52
N GLY B 274 19.28 18.65 1.23
CA GLY B 274 20.56 18.23 0.69
C GLY B 274 21.63 19.30 0.83
N ASP B 275 22.88 18.85 0.87
CA ASP B 275 24.02 19.73 0.82
C ASP B 275 25.05 19.19 -0.16
N ASP B 276 26.28 19.67 -0.12
CA ASP B 276 27.20 19.29 -1.18
C ASP B 276 27.61 17.83 -1.08
N LYS B 277 27.55 17.25 0.11
CA LYS B 277 27.95 15.85 0.27
C LYS B 277 26.88 14.88 -0.20
N GLY B 278 25.61 15.27 -0.24
CA GLY B 278 24.56 14.36 -0.68
C GLY B 278 23.25 14.64 0.05
N LEU B 279 22.42 13.61 0.11
CA LEU B 279 21.13 13.70 0.80
C LEU B 279 21.35 13.93 2.29
N VAL B 280 20.30 14.42 2.94
CA VAL B 280 20.14 14.40 4.39
C VAL B 280 18.68 14.08 4.68
N ILE B 281 18.43 12.95 5.31
CA ILE B 281 17.08 12.45 5.49
C ILE B 281 16.67 12.66 6.95
N PRO B 282 15.58 13.37 7.21
CA PRO B 282 15.12 13.54 8.59
C PRO B 282 14.98 12.21 9.30
N PRO B 283 15.39 12.14 10.57
CA PRO B 283 15.36 10.85 11.29
C PRO B 283 13.98 10.18 11.32
N ARG B 284 12.90 10.97 11.35
CA ARG B 284 11.58 10.35 11.47
C ARG B 284 11.20 9.49 10.27
N VAL B 285 11.80 9.72 9.11
CA VAL B 285 11.40 8.95 7.95
C VAL B 285 12.55 8.18 7.37
N ALA B 286 13.70 8.16 8.04
CA ALA B 286 14.86 7.44 7.53
C ALA B 286 14.73 5.94 7.78
N SER B 287 15.02 5.14 6.75
CA SER B 287 14.99 3.68 6.92
C SER B 287 16.05 3.22 7.91
N VAL B 288 17.27 3.73 7.76
CA VAL B 288 18.31 3.58 8.75
C VAL B 288 18.50 4.92 9.44
N GLN B 289 18.30 4.95 10.76
CA GLN B 289 18.57 6.17 11.51
C GLN B 289 20.01 6.24 11.95
N VAL B 290 20.56 5.11 12.42
CA VAL B 290 21.93 5.00 12.88
C VAL B 290 22.61 3.87 12.09
N VAL B 291 23.70 4.21 11.39
CA VAL B 291 24.50 3.20 10.70
C VAL B 291 25.75 2.95 11.53
N ILE B 292 26.03 1.68 11.78
CA ILE B 292 27.17 1.27 12.59
C ILE B 292 28.24 0.78 11.66
N ILE B 293 29.34 1.51 11.61
CA ILE B 293 30.45 1.18 10.73
C ILE B 293 31.59 0.70 11.60
N PRO B 294 31.88 -0.60 11.64
CA PRO B 294 33.06 -1.06 12.35
C PRO B 294 34.32 -0.69 11.56
N ILE B 295 35.37 -0.37 12.27
CA ILE B 295 36.59 -0.06 11.60
C ILE B 295 37.46 -1.28 11.49
N LEU B 296 37.32 -1.98 10.39
CA LEU B 296 38.13 -3.12 10.10
C LEU B 296 38.74 -2.70 8.83
N PHE B 297 40.05 -2.64 8.72
CA PHE B 297 40.62 -2.24 7.45
C PHE B 297 40.87 -3.47 6.58
N LYS B 298 39.79 -4.06 6.10
CA LYS B 298 39.76 -5.26 5.28
C LYS B 298 40.47 -6.34 6.05
N ASP B 299 41.33 -7.04 5.34
CA ASP B 299 42.16 -8.08 5.89
C ASP B 299 41.48 -9.21 6.62
N GLU B 300 42.02 -9.52 7.80
CA GLU B 300 41.60 -10.60 8.64
C GLU B 300 40.22 -10.58 9.24
N ASN B 301 39.80 -9.44 9.75
CA ASN B 301 38.49 -9.32 10.39
C ASN B 301 38.11 -10.33 11.46
N THR B 302 38.70 -10.21 12.63
CA THR B 302 38.39 -11.03 13.82
C THR B 302 37.00 -10.78 14.44
N GLY B 303 36.59 -11.68 15.33
CA GLY B 303 35.24 -11.57 15.85
C GLY B 303 35.02 -10.48 16.88
N GLU B 304 36.09 -9.90 17.43
CA GLU B 304 35.95 -9.03 18.59
C GLU B 304 35.13 -7.79 18.26
N ILE B 305 35.38 -7.17 17.10
CA ILE B 305 34.72 -5.91 16.79
C ILE B 305 33.24 -6.13 16.50
N LEU B 306 32.94 -6.97 15.50
CA LEU B 306 31.56 -7.22 15.10
C LEU B 306 30.69 -7.66 16.26
N GLY B 307 31.22 -8.53 17.12
CA GLY B 307 30.54 -8.89 18.34
C GLY B 307 29.92 -7.69 19.02
N LYS B 308 30.76 -6.72 19.43
CA LYS B 308 30.23 -5.57 20.14
C LYS B 308 29.19 -4.85 19.30
N CYS B 309 29.45 -4.72 17.99
CA CYS B 309 28.49 -4.00 17.16
C CYS B 309 27.12 -4.64 17.24
N ARG B 310 27.09 -5.97 17.14
CA ARG B 310 25.79 -6.64 17.21
CA ARG B 310 25.80 -6.66 17.21
C ARG B 310 25.12 -6.41 18.55
N GLU B 311 25.86 -6.50 19.65
CA GLU B 311 25.24 -6.16 20.93
C GLU B 311 24.69 -4.75 20.90
N LEU B 312 25.50 -3.78 20.47
CA LEU B 312 25.02 -2.40 20.38
C LEU B 312 23.74 -2.33 19.55
N LYS B 313 23.69 -3.06 18.42
CA LYS B 313 22.49 -3.05 17.60
C LYS B 313 21.26 -3.47 18.41
N THR B 314 21.32 -4.63 19.10
CA THR B 314 20.12 -5.00 19.84
C THR B 314 19.87 -4.01 20.96
N MET B 315 20.94 -3.54 21.62
CA MET B 315 20.75 -2.51 22.64
C MET B 315 19.99 -1.33 22.07
N LEU B 316 20.32 -0.93 20.83
CA LEU B 316 19.67 0.26 20.28
C LEU B 316 18.25 -0.05 19.83
N GLU B 317 18.01 -1.26 19.31
CA GLU B 317 16.68 -1.56 18.78
C GLU B 317 15.65 -1.74 19.87
N LYS B 318 16.10 -2.12 21.08
CA LYS B 318 15.27 -2.06 22.26
C LYS B 318 14.65 -0.68 22.46
N ALA B 319 15.39 0.38 22.10
CA ALA B 319 14.90 1.75 22.22
C ALA B 319 14.24 2.24 20.93
N ASP B 320 13.97 1.32 20.01
CA ASP B 320 13.19 1.59 18.79
C ASP B 320 13.96 2.38 17.75
N ILE B 321 15.28 2.29 17.74
CA ILE B 321 16.10 2.93 16.73
C ILE B 321 16.32 1.98 15.55
N ARG B 322 16.22 2.50 14.33
CA ARG B 322 16.44 1.68 13.15
C ARG B 322 17.95 1.65 12.87
N VAL B 323 18.56 0.46 13.02
CA VAL B 323 20.01 0.33 13.06
C VAL B 323 20.50 -0.51 11.89
N ARG B 324 21.63 -0.15 11.29
CA ARG B 324 22.28 -1.02 10.35
C ARG B 324 23.79 -1.10 10.57
N ILE B 325 24.32 -2.31 10.59
CA ILE B 325 25.75 -2.59 10.62
C ILE B 325 26.19 -2.76 9.18
N ASP B 326 27.19 -2.02 8.76
CA ASP B 326 27.74 -2.21 7.43
C ASP B 326 29.01 -3.00 7.62
N ASP B 327 28.93 -4.30 7.36
CA ASP B 327 30.04 -5.21 7.56
C ASP B 327 30.55 -5.78 6.23
N ARG B 328 30.28 -5.10 5.12
CA ARG B 328 30.82 -5.54 3.84
C ARG B 328 32.34 -5.44 3.85
N SER B 329 33.01 -6.57 3.54
CA SER B 329 34.44 -6.69 3.81
C SER B 329 35.32 -5.98 2.78
N ASN B 330 34.81 -5.68 1.60
CA ASN B 330 35.68 -5.23 0.52
C ASN B 330 35.88 -3.71 0.50
N TYR B 331 35.46 -2.98 1.53
CA TYR B 331 35.47 -1.51 1.48
C TYR B 331 36.17 -0.95 2.71
N THR B 332 36.67 0.27 2.55
CA THR B 332 37.39 0.96 3.60
C THR B 332 36.44 1.85 4.40
N PRO B 333 36.68 1.93 5.72
CA PRO B 333 35.82 2.75 6.58
C PRO B 333 35.47 4.07 5.96
N GLY B 334 36.46 4.74 5.37
CA GLY B 334 36.21 6.04 4.76
C GLY B 334 35.28 5.96 3.57
N TRP B 335 35.41 4.90 2.78
CA TRP B 335 34.46 4.70 1.69
C TRP B 335 33.04 4.61 2.24
N LYS B 336 32.86 3.79 3.27
CA LYS B 336 31.54 3.66 3.89
C LYS B 336 31.06 5.00 4.41
N TYR B 337 31.95 5.73 5.10
CA TYR B 337 31.60 7.07 5.53
C TYR B 337 30.97 7.82 4.39
N ASN B 338 31.62 7.82 3.23
CA ASN B 338 31.10 8.62 2.13
C ASN B 338 29.80 8.04 1.61
N HIS B 339 29.71 6.72 1.53
CA HIS B 339 28.53 6.03 1.03
C HIS B 339 27.31 6.40 1.85
N TRP B 340 27.42 6.24 3.17
CA TRP B 340 26.28 6.56 4.03
C TRP B 340 26.06 8.06 4.15
N GLU B 341 27.10 8.88 3.92
CA GLU B 341 26.84 10.30 3.90
C GLU B 341 26.06 10.72 2.66
N VAL B 342 26.37 10.15 1.50
CA VAL B 342 25.53 10.48 0.35
C VAL B 342 24.12 9.95 0.58
N LYS B 343 23.98 8.73 1.12
CA LYS B 343 22.63 8.23 1.38
C LYS B 343 21.91 9.07 2.43
N GLY B 344 22.63 9.91 3.16
CA GLY B 344 21.97 10.86 4.02
C GLY B 344 21.54 10.34 5.38
N VAL B 345 22.07 9.20 5.83
CA VAL B 345 21.63 8.70 7.15
C VAL B 345 22.04 9.69 8.24
N PRO B 346 21.15 10.03 9.17
CA PRO B 346 21.42 11.17 10.06
C PRO B 346 22.52 10.96 11.08
N LEU B 347 22.71 9.74 11.57
CA LEU B 347 23.74 9.48 12.57
C LEU B 347 24.65 8.35 12.13
N ARG B 348 25.92 8.49 12.40
CA ARG B 348 26.89 7.49 12.03
C ARG B 348 27.63 7.09 13.30
N LEU B 349 27.67 5.78 13.58
CA LEU B 349 28.30 5.23 14.78
C LEU B 349 29.55 4.44 14.41
N GLU B 350 30.72 4.93 14.85
CA GLU B 350 32.02 4.35 14.54
C GLU B 350 32.51 3.54 15.73
N LEU B 351 32.87 2.29 15.48
CA LEU B 351 33.39 1.37 16.46
C LEU B 351 34.72 0.81 15.96
N GLY B 352 35.83 1.30 16.52
CA GLY B 352 37.13 0.77 16.18
C GLY B 352 37.78 0.08 17.35
N PRO B 353 38.98 -0.45 17.16
CA PRO B 353 39.70 -1.06 18.29
C PRO B 353 39.99 -0.09 19.44
N LYS B 354 40.32 1.17 19.14
CA LYS B 354 40.57 2.13 20.21
C LYS B 354 39.28 2.51 20.93
N ASP B 355 38.19 2.47 20.19
CA ASP B 355 36.90 2.75 20.77
C ASP B 355 36.54 1.57 21.61
N LEU B 356 36.87 0.40 21.15
CA LEU B 356 36.60 -0.82 21.88
C LEU B 356 37.38 -0.89 23.18
N ALA B 357 38.60 -0.42 23.13
CA ALA B 357 39.45 -0.39 24.27
C ALA B 357 38.95 0.51 25.36
N LYS B 358 38.43 1.66 24.97
CA LYS B 358 37.92 2.61 25.94
C LYS B 358 36.45 2.43 26.26
N GLY B 359 35.78 1.54 25.56
CA GLY B 359 34.38 1.29 25.84
C GLY B 359 33.38 2.30 25.34
N THR B 360 33.79 3.13 24.41
CA THR B 360 32.95 4.15 23.88
C THR B 360 32.73 3.96 22.42
N ALA B 361 32.10 4.93 21.80
CA ALA B 361 31.87 4.90 20.39
C ALA B 361 31.82 6.31 19.90
N ARG B 362 32.12 6.51 18.64
CA ARG B 362 32.10 7.87 18.10
C ARG B 362 30.87 8.07 17.23
N VAL B 363 30.01 9.01 17.60
CA VAL B 363 28.82 9.31 16.83
C VAL B 363 29.00 10.67 16.16
N VAL B 364 28.61 10.75 14.91
CA VAL B 364 28.70 12.04 14.24
C VAL B 364 27.43 12.21 13.43
N ARG B 365 26.81 13.37 13.58
CA ARG B 365 25.55 13.69 12.92
C ARG B 365 25.80 14.15 11.49
N ARG B 366 24.92 13.72 10.59
CA ARG B 366 25.11 14.06 9.19
C ARG B 366 24.82 15.53 8.93
N ASP B 367 23.94 16.15 9.73
CA ASP B 367 23.49 17.50 9.38
C ASP B 367 24.62 18.53 9.52
N THR B 368 25.33 18.55 10.67
CA THR B 368 26.37 19.54 10.90
C THR B 368 27.78 18.97 10.86
N GLY B 369 27.93 17.65 10.85
CA GLY B 369 29.24 17.06 10.93
C GLY B 369 29.81 16.97 12.32
N GLU B 370 29.10 17.49 13.33
CA GLU B 370 29.62 17.46 14.69
C GLU B 370 29.75 16.04 15.21
N ALA B 371 30.80 15.77 15.98
CA ALA B 371 31.03 14.45 16.55
C ALA B 371 30.97 14.51 18.08
N TYR B 372 30.60 13.37 18.66
CA TYR B 372 30.43 13.17 20.09
C TYR B 372 31.05 11.83 20.45
N GLN B 373 31.70 11.76 21.60
CA GLN B 373 32.23 10.50 22.13
C GLN B 373 31.32 10.05 23.27
N ILE B 374 30.70 8.88 23.12
CA ILE B 374 29.67 8.48 24.06
C ILE B 374 29.97 7.09 24.60
N SER B 375 29.87 6.95 25.93
CA SER B 375 29.88 5.66 26.60
C SER B 375 28.72 4.79 26.09
N TRP B 376 28.85 3.48 26.31
CA TRP B 376 27.80 2.58 25.82
C TRP B 376 26.53 2.67 26.64
N ALA B 377 26.64 2.84 27.95
CA ALA B 377 25.47 3.14 28.77
C ALA B 377 24.69 4.31 28.17
N ASP B 378 25.37 5.46 27.99
CA ASP B 378 24.77 6.69 27.50
C ASP B 378 24.31 6.60 26.04
N LEU B 379 24.38 5.44 25.39
CA LEU B 379 24.24 5.41 23.94
C LEU B 379 22.80 5.56 23.50
N ALA B 380 21.88 4.84 24.15
CA ALA B 380 20.48 4.89 23.71
C ALA B 380 19.88 6.28 23.94
N PRO B 381 19.85 6.84 25.15
CA PRO B 381 19.21 8.17 25.30
C PRO B 381 19.88 9.28 24.47
N LYS B 382 21.22 9.37 24.51
CA LYS B 382 21.90 10.44 23.80
C LYS B 382 21.55 10.43 22.31
N LEU B 383 21.63 9.25 21.69
CA LEU B 383 21.24 9.14 20.29
C LEU B 383 19.84 9.69 20.06
N LEU B 384 18.88 9.29 20.90
CA LEU B 384 17.52 9.81 20.76
C LEU B 384 17.48 11.31 20.97
N GLU B 385 18.16 11.79 22.01
CA GLU B 385 18.25 13.24 22.19
C GLU B 385 18.86 13.91 20.95
N LEU B 386 19.78 13.23 20.27
CA LEU B 386 20.34 13.79 19.05
C LEU B 386 19.30 13.83 17.94
N MET B 387 18.54 12.75 17.77
CA MET B 387 17.67 12.64 16.60
C MET B 387 16.60 13.72 16.62
N GLU B 388 15.97 13.90 17.78
CA GLU B 388 15.12 15.08 18.00
C GLU B 388 15.85 16.33 17.58
N GLY B 389 17.02 16.56 18.20
CA GLY B 389 17.82 17.70 17.85
C GLY B 389 18.01 17.84 16.36
N ILE B 390 18.25 16.71 15.68
CA ILE B 390 18.44 16.77 14.23
C ILE B 390 17.13 17.17 13.57
N GLN B 391 16.07 16.41 13.85
CA GLN B 391 14.75 16.69 13.29
C GLN B 391 14.41 18.17 13.41
N ARG B 392 14.35 18.65 14.66
CA ARG B 392 14.01 20.05 14.92
C ARG B 392 14.89 20.98 14.12
N SER B 393 16.21 20.79 14.20
CA SER B 393 17.09 21.74 13.56
C SER B 393 16.90 21.73 12.06
N LEU B 394 16.78 20.52 11.48
CA LEU B 394 16.57 20.43 10.05
C LEU B 394 15.37 21.27 9.63
N PHE B 395 14.34 21.29 10.45
CA PHE B 395 13.16 22.07 10.09
C PHE B 395 13.44 23.56 10.17
N GLU B 396 13.99 24.01 11.30
CA GLU B 396 13.98 25.45 11.55
C GLU B 396 14.92 26.17 10.62
N LYS B 397 16.09 25.57 10.35
CA LYS B 397 16.96 26.11 9.31
C LYS B 397 16.18 26.29 8.02
N ALA B 398 15.52 25.23 7.56
CA ALA B 398 14.75 25.31 6.33
C ALA B 398 13.71 26.42 6.43
N LYS B 399 13.01 26.50 7.56
CA LYS B 399 12.00 27.53 7.76
C LYS B 399 12.57 28.92 7.53
N ALA B 400 13.77 29.16 8.04
CA ALA B 400 14.38 30.47 7.85
C ALA B 400 14.71 30.68 6.38
N ARG B 401 15.32 29.68 5.73
CA ARG B 401 15.53 29.78 4.30
C ARG B 401 14.22 30.04 3.56
N LEU B 402 13.10 29.74 4.20
CA LEU B 402 11.78 30.07 3.66
C LEU B 402 11.47 31.55 3.82
N HIS B 403 11.54 32.06 5.06
CA HIS B 403 11.14 33.45 5.30
C HIS B 403 12.09 34.42 4.60
N GLU B 404 13.34 34.01 4.40
CA GLU B 404 14.32 34.79 3.64
C GLU B 404 14.13 34.69 2.13
N GLY B 405 13.18 33.92 1.66
CA GLY B 405 12.90 33.86 0.24
C GLY B 405 11.71 34.67 -0.17
N ILE B 406 11.02 35.30 0.77
CA ILE B 406 9.80 36.03 0.51
C ILE B 406 10.02 37.49 0.84
N GLU B 407 9.89 38.36 -0.16
CA GLU B 407 10.01 39.80 0.01
C GLU B 407 8.63 40.43 -0.06
N LYS B 408 8.32 41.36 0.86
CA LYS B 408 6.99 41.98 0.97
C LYS B 408 7.00 43.30 0.20
N ILE B 409 6.88 43.19 -1.12
CA ILE B 409 6.92 44.35 -2.00
C ILE B 409 5.58 45.08 -2.01
N SER B 410 5.52 46.23 -2.69
CA SER B 410 4.25 46.95 -2.80
C SER B 410 3.88 47.47 -4.19
N THR B 411 4.80 47.57 -5.13
CA THR B 411 4.46 47.96 -6.48
C THR B 411 4.99 46.92 -7.46
N PHE B 412 4.42 46.90 -8.67
CA PHE B 412 4.92 45.98 -9.69
C PHE B 412 6.35 46.30 -10.12
N ASP B 413 6.81 47.55 -9.91
CA ASP B 413 8.15 47.91 -10.32
C ASP B 413 9.20 46.98 -9.69
N GLU B 414 8.90 46.44 -8.52
CA GLU B 414 9.86 45.70 -7.70
C GLU B 414 9.90 44.19 -7.98
N VAL B 415 9.08 43.66 -8.89
CA VAL B 415 8.97 42.21 -8.96
C VAL B 415 10.15 41.59 -9.71
N MET B 416 10.56 42.15 -10.84
CA MET B 416 11.70 41.55 -11.53
C MET B 416 12.96 41.55 -10.68
N PRO B 417 13.31 42.63 -9.96
CA PRO B 417 14.48 42.52 -9.06
C PRO B 417 14.36 41.43 -8.01
N ALA B 418 13.14 41.08 -7.59
CA ALA B 418 12.98 40.01 -6.61
C ALA B 418 12.96 38.64 -7.26
N LEU B 419 12.40 38.49 -8.47
CA LEU B 419 12.42 37.18 -9.11
C LEU B 419 13.77 36.84 -9.72
N ASN B 420 14.57 37.84 -10.08
CA ASN B 420 15.93 37.56 -10.49
C ASN B 420 16.85 37.34 -9.30
N ARG B 421 16.39 37.67 -8.10
CA ARG B 421 17.04 37.27 -6.85
C ARG B 421 16.63 35.87 -6.39
N LYS B 422 15.90 35.11 -7.23
CA LYS B 422 15.39 33.78 -6.90
C LYS B 422 14.53 33.82 -5.64
N HIS B 423 13.65 34.82 -5.56
CA HIS B 423 12.73 34.99 -4.45
C HIS B 423 11.29 34.86 -4.93
N LEU B 424 10.39 34.99 -3.97
CA LEU B 424 8.97 35.11 -4.23
C LEU B 424 8.52 36.33 -3.45
N VAL B 425 7.42 36.94 -3.89
CA VAL B 425 6.99 38.16 -3.22
C VAL B 425 5.54 38.07 -2.79
N LEU B 426 5.26 38.84 -1.76
CA LEU B 426 3.99 38.88 -1.06
C LEU B 426 3.37 40.23 -1.37
N ALA B 427 2.59 40.30 -2.45
CA ALA B 427 2.04 41.57 -2.87
C ALA B 427 0.54 41.63 -2.58
N PRO B 428 -0.02 42.82 -2.35
CA PRO B 428 -1.47 42.92 -2.21
C PRO B 428 -2.14 42.91 -3.57
N TRP B 429 -3.35 42.36 -3.60
CA TRP B 429 -3.95 42.02 -4.87
C TRP B 429 -5.44 42.27 -4.84
N CYS B 430 -5.95 42.60 -6.04
CA CYS B 430 -7.36 42.84 -6.31
C CYS B 430 -8.14 41.55 -6.46
N GLU B 431 -7.47 40.45 -6.82
CA GLU B 431 -8.08 39.15 -7.09
C GLU B 431 -8.92 39.17 -8.37
N ASP B 432 -8.39 39.76 -9.43
CA ASP B 432 -9.08 39.77 -10.71
C ASP B 432 -8.33 38.86 -11.68
N PRO B 433 -8.97 37.81 -12.22
CA PRO B 433 -8.21 36.78 -12.95
C PRO B 433 -7.48 37.27 -14.20
N GLU B 434 -8.04 38.24 -14.91
CA GLU B 434 -7.31 38.78 -16.06
C GLU B 434 -6.00 39.41 -15.60
N SER B 435 -5.98 40.03 -14.42
CA SER B 435 -4.72 40.47 -13.85
C SER B 435 -3.69 39.34 -13.88
N GLU B 436 -4.06 38.17 -13.34
CA GLU B 436 -3.17 37.01 -13.30
C GLU B 436 -2.65 36.65 -14.69
N GLU B 437 -3.56 36.41 -15.63
CA GLU B 437 -3.12 35.94 -16.95
C GLU B 437 -2.20 36.97 -17.63
N GLN B 438 -2.47 38.28 -17.47
CA GLN B 438 -1.57 39.21 -18.16
C GLN B 438 -0.25 39.41 -17.42
N ILE B 439 -0.22 39.27 -16.09
CA ILE B 439 1.07 39.29 -15.40
C ILE B 439 1.92 38.10 -15.84
N LYS B 440 1.28 36.95 -16.08
CA LYS B 440 2.03 35.82 -16.65
C LYS B 440 2.63 36.18 -17.99
N LYS B 441 1.82 36.77 -18.89
CA LYS B 441 2.31 37.15 -20.21
C LYS B 441 3.49 38.13 -20.13
N GLU B 442 3.34 39.18 -19.32
CA GLU B 442 4.37 40.22 -19.26
C GLU B 442 5.65 39.71 -18.58
N THR B 443 5.52 38.91 -17.52
CA THR B 443 6.72 38.39 -16.87
C THR B 443 7.48 37.43 -17.78
N GLN B 444 6.78 36.62 -18.59
CA GLN B 444 7.51 35.86 -19.60
C GLN B 444 8.23 36.81 -20.57
N LYS B 445 7.54 37.82 -21.11
CA LYS B 445 8.16 38.65 -22.14
C LYS B 445 9.42 39.35 -21.60
N LEU B 446 9.24 40.02 -20.50
CA LEU B 446 10.31 40.71 -19.88
C LEU B 446 11.39 39.72 -19.60
N SER B 447 10.99 38.53 -19.22
CA SER B 447 11.91 37.49 -18.89
C SER B 447 12.73 37.11 -20.09
N GLU B 448 12.09 37.00 -21.24
CA GLU B 448 12.80 36.66 -22.45
C GLU B 448 13.80 37.70 -22.93
N ILE B 449 13.48 38.97 -22.78
CA ILE B 449 14.44 39.97 -23.24
C ILE B 449 15.75 39.89 -22.47
N GLN B 450 15.68 39.66 -21.16
CA GLN B 450 16.88 39.51 -20.37
C GLN B 450 17.67 38.31 -20.83
N ALA B 451 16.98 37.23 -21.15
CA ALA B 451 17.63 36.01 -21.60
C ALA B 451 18.38 36.27 -22.88
N ILE B 452 17.76 37.02 -23.79
CA ILE B 452 18.38 37.42 -25.02
C ILE B 452 19.55 38.35 -24.77
N GLU B 453 19.44 39.21 -23.74
CA GLU B 453 20.50 40.14 -23.44
C GLU B 453 21.81 39.45 -23.11
N ALA B 454 21.77 38.33 -22.40
CA ALA B 454 23.03 37.64 -22.15
C ALA B 454 22.87 36.14 -22.20
N GLY B 463 9.83 30.64 -17.40
CA GLY B 463 10.06 31.98 -16.88
C GLY B 463 8.85 32.71 -16.29
N ALA B 464 7.64 32.34 -16.72
CA ALA B 464 6.46 33.07 -16.26
C ALA B 464 6.33 33.02 -14.74
N MET B 465 5.70 34.04 -14.18
CA MET B 465 5.41 34.10 -12.76
C MET B 465 3.91 33.99 -12.55
N LYS B 466 3.46 32.89 -11.97
CA LYS B 466 2.06 32.75 -11.66
C LYS B 466 1.85 32.95 -10.17
N THR B 467 0.58 32.91 -9.78
CA THR B 467 0.24 33.03 -8.37
C THR B 467 0.46 31.68 -7.70
N LEU B 468 1.11 31.68 -6.55
CA LEU B 468 1.31 30.45 -5.81
C LEU B 468 0.11 30.17 -4.92
N CYS B 469 -0.28 31.17 -4.13
CA CYS B 469 -1.48 30.97 -3.30
C CYS B 469 -1.82 32.29 -2.64
N ILE B 470 -2.95 32.30 -1.95
CA ILE B 470 -3.36 33.43 -1.11
C ILE B 470 -3.40 32.93 0.33
N PRO B 471 -2.45 33.34 1.17
CA PRO B 471 -2.24 32.67 2.47
C PRO B 471 -3.40 32.87 3.46
N PHE B 472 -3.43 31.98 4.45
CA PHE B 472 -4.41 32.08 5.53
C PHE B 472 -3.95 33.08 6.59
N ASP B 473 -2.66 33.07 6.92
CA ASP B 473 -2.06 34.13 7.73
C ASP B 473 -1.95 35.37 6.85
N GLN B 474 -3.05 36.09 6.72
CA GLN B 474 -3.03 37.38 6.06
C GLN B 474 -2.51 38.43 7.06
N PRO B 475 -1.42 39.13 6.75
CA PRO B 475 -0.90 40.12 7.68
C PRO B 475 -1.83 41.33 7.73
N PRO B 476 -1.50 42.36 8.52
CA PRO B 476 -2.27 43.61 8.49
C PRO B 476 -2.56 44.12 7.09
N MET B 477 -3.75 44.70 6.93
CA MET B 477 -4.14 45.32 5.67
C MET B 477 -4.64 46.74 5.95
N PRO B 478 -4.00 47.77 5.41
CA PRO B 478 -4.45 49.15 5.66
C PRO B 478 -5.67 49.51 4.84
N GLU B 479 -6.46 50.45 5.39
CA GLU B 479 -7.61 50.98 4.67
C GLU B 479 -7.16 51.60 3.36
N GLY B 480 -7.81 51.19 2.27
CA GLY B 480 -7.47 51.70 0.95
C GLY B 480 -6.03 51.53 0.55
N THR B 481 -5.46 50.35 0.77
CA THR B 481 -4.21 50.02 0.09
C THR B 481 -4.55 49.54 -1.31
N LYS B 482 -3.76 49.98 -2.29
CA LYS B 482 -4.05 49.65 -3.68
C LYS B 482 -3.31 48.38 -4.09
N CYS B 483 -3.79 47.78 -5.17
CA CYS B 483 -3.16 46.59 -5.74
C CYS B 483 -1.88 46.98 -6.46
N PHE B 484 -1.00 45.99 -6.61
CA PHE B 484 0.33 46.23 -7.12
C PHE B 484 0.41 46.19 -8.65
N TYR B 485 -0.70 46.04 -9.35
CA TYR B 485 -0.63 45.99 -10.81
C TYR B 485 -1.76 46.74 -11.48
N THR B 486 -2.86 47.02 -10.81
CA THR B 486 -3.95 47.77 -11.39
C THR B 486 -4.19 49.11 -10.72
N GLY B 487 -3.76 49.29 -9.48
CA GLY B 487 -4.13 50.43 -8.68
C GLY B 487 -5.46 50.31 -7.96
N LYS B 488 -6.23 49.25 -8.23
CA LYS B 488 -7.54 49.08 -7.59
C LYS B 488 -7.36 48.76 -6.11
N PRO B 489 -8.40 49.04 -5.29
CA PRO B 489 -8.36 48.66 -3.87
C PRO B 489 -8.04 47.18 -3.65
N ALA B 490 -6.92 46.91 -2.97
CA ALA B 490 -6.38 45.55 -2.93
C ALA B 490 -7.18 44.69 -1.97
N LYS B 491 -7.59 43.52 -2.44
CA LYS B 491 -8.40 42.62 -1.63
C LYS B 491 -7.54 41.94 -0.56
N ARG B 492 -6.52 41.19 -0.98
CA ARG B 492 -5.81 40.34 -0.04
C ARG B 492 -4.34 40.23 -0.42
N TRP B 493 -3.53 39.88 0.58
CA TRP B 493 -2.11 39.62 0.39
C TRP B 493 -1.93 38.28 -0.32
N THR B 494 -1.39 38.29 -1.53
CA THR B 494 -1.21 37.07 -2.29
C THR B 494 0.27 36.85 -2.61
N LEU B 495 0.65 35.58 -2.65
CA LEU B 495 2.04 35.14 -2.77
C LEU B 495 2.27 34.64 -4.18
N TRP B 496 3.21 35.32 -4.88
CA TRP B 496 3.58 35.07 -6.26
C TRP B 496 5.04 34.65 -6.33
N GLY B 497 5.34 33.87 -7.36
CA GLY B 497 6.72 33.57 -7.73
C GLY B 497 6.70 32.82 -9.04
N ARG B 498 7.89 32.51 -9.53
CA ARG B 498 7.94 31.46 -10.53
C ARG B 498 7.65 30.13 -9.83
N SER B 499 7.47 29.08 -10.61
CA SER B 499 7.14 27.81 -9.97
C SER B 499 7.23 26.66 -10.97
N TYR B 500 6.93 25.47 -10.46
CA TYR B 500 6.99 24.21 -11.19
C TYR B 500 5.65 24.00 -11.84
#